data_7M13
#
_entry.id   7M13
#
_cell.length_a   57.365
_cell.length_b   131.326
_cell.length_c   58.855
_cell.angle_alpha   90.000
_cell.angle_beta   105.760
_cell.angle_gamma   90.000
#
_symmetry.space_group_name_H-M   'P 1 21 1'
#
loop_
_entity.id
_entity.type
_entity.pdbx_description
1 polymer 'GDP-L-fucose synthase'
2 non-polymer 'NADP NICOTINAMIDE-ADENINE-DINUCLEOTIDE PHOSPHATE'
3 non-polymer 'MAGNESIUM ION'
4 non-polymer 1,2-ETHANEDIOL
5 water water
#
_entity_poly.entity_id   1
_entity_poly.type   'polypeptide(L)'
_entity_poly.pdbx_seq_one_letter_code
;GGGHMQTNSKIYIAGHKGTAGTALVENLQKRGFNNLVLKTRQELDLVNQQAVAKFFKEEKPEYVFLTAVLPCGAANVAQR
ADFIYENLMIQNNVIHNSFLNNVKKLVFFGSGYMYPENAKNPLKEEYLFQGDLEYGAYSFGAAKIAGAIMCESYNIQYGT
NFITLVLNNLYGTKANFDFGKSRVLPALLRKFHLAKLLSEGNITQILQDLKMNNFEEAKEYLHNFGISKKSVEIWGTGKV
RREFIHSDDLADVAIYTMQNIDFKDLIKDRKSKNTHINIGTGIDYSIKEVALMVKNIVGFSGELVFNTSRPDSTMDRLMD
CSKIHSLGWKHKIELKDGIKMMYEWYKTQN
;
_entity_poly.pdbx_strand_id   A,B
#
loop_
_chem_comp.id
_chem_comp.type
_chem_comp.name
_chem_comp.formula
EDO non-polymer 1,2-ETHANEDIOL 'C2 H6 O2'
MG non-polymer 'MAGNESIUM ION' 'Mg 2'
NAP non-polymer 'NADP NICOTINAMIDE-ADENINE-DINUCLEOTIDE PHOSPHATE' 'C21 H28 N7 O17 P3'
#
# COMPACT_ATOMS: atom_id res chain seq x y z
N GLY A 3 -13.73 -4.26 -28.73
CA GLY A 3 -12.46 -4.87 -29.26
C GLY A 3 -11.38 -3.81 -29.42
N HIS A 4 -10.90 -3.27 -28.29
CA HIS A 4 -10.11 -2.01 -28.24
C HIS A 4 -8.80 -2.18 -29.02
N MET A 5 -7.98 -3.16 -28.66
CA MET A 5 -6.66 -3.38 -29.34
C MET A 5 -6.90 -3.85 -30.76
N GLN A 6 -6.17 -3.24 -31.68
CA GLN A 6 -6.17 -3.58 -33.12
C GLN A 6 -4.88 -4.30 -33.48
N THR A 7 -4.83 -4.94 -34.65
CA THR A 7 -3.65 -5.68 -35.11
C THR A 7 -2.36 -4.92 -34.84
N ASN A 8 -2.34 -3.64 -35.20
CA ASN A 8 -1.09 -2.87 -35.17
C ASN A 8 -1.04 -1.96 -33.96
N SER A 9 -1.90 -2.14 -32.97
CA SER A 9 -1.80 -1.32 -31.73
C SER A 9 -0.47 -1.63 -31.03
N LYS A 10 0.19 -0.63 -30.46
CA LYS A 10 1.47 -0.84 -29.78
C LYS A 10 1.19 -1.36 -28.37
N ILE A 11 1.62 -2.57 -28.10
CA ILE A 11 1.30 -3.24 -26.81
C ILE A 11 2.59 -3.48 -26.06
N TYR A 12 2.69 -2.91 -24.85
CA TYR A 12 3.83 -3.11 -23.97
C TYR A 12 3.47 -4.22 -22.96
N ILE A 13 4.24 -5.31 -22.97
CA ILE A 13 4.11 -6.36 -21.93
C ILE A 13 5.28 -6.17 -20.98
N ALA A 14 5.04 -5.59 -19.80
CA ALA A 14 6.09 -5.38 -18.79
C ALA A 14 6.39 -6.72 -18.13
N GLY A 15 7.66 -7.07 -17.91
CA GLY A 15 8.01 -8.37 -17.34
C GLY A 15 7.77 -9.52 -18.31
N HIS A 16 8.14 -9.35 -19.58
CA HIS A 16 7.70 -10.28 -20.64
C HIS A 16 8.43 -11.64 -20.56
N LYS A 17 9.52 -11.76 -19.81
CA LYS A 17 10.27 -13.05 -19.71
C LYS A 17 9.69 -13.91 -18.60
N GLY A 18 8.74 -13.40 -17.82
CA GLY A 18 8.16 -14.14 -16.70
C GLY A 18 7.09 -15.11 -17.16
N THR A 19 6.46 -15.80 -16.24
CA THR A 19 5.48 -16.83 -16.63
C THR A 19 4.31 -16.19 -17.40
N ALA A 20 3.64 -15.22 -16.77
CA ALA A 20 2.48 -14.56 -17.40
C ALA A 20 2.94 -13.80 -18.63
N GLY A 21 4.06 -13.11 -18.55
CA GLY A 21 4.53 -12.31 -19.69
C GLY A 21 4.80 -13.18 -20.89
N THR A 22 5.46 -14.32 -20.70
CA THR A 22 5.75 -15.26 -21.82
C THR A 22 4.43 -15.72 -22.43
N ALA A 23 3.46 -16.05 -21.59
CA ALA A 23 2.17 -16.56 -22.09
C ALA A 23 1.45 -15.45 -22.86
N LEU A 24 1.54 -14.21 -22.41
CA LEU A 24 0.88 -13.09 -23.12
C LEU A 24 1.55 -12.87 -24.47
N VAL A 25 2.87 -12.86 -24.54
CA VAL A 25 3.57 -12.62 -25.83
C VAL A 25 3.13 -13.71 -26.81
N GLU A 26 3.17 -14.95 -26.38
CA GLU A 26 2.83 -16.08 -27.28
C GLU A 26 1.39 -15.96 -27.76
N ASN A 27 0.44 -15.73 -26.85
CA ASN A 27 -0.98 -15.70 -27.22
CA ASN A 27 -1.01 -15.64 -27.13
C ASN A 27 -1.31 -14.47 -28.07
N LEU A 28 -0.74 -13.31 -27.77
CA LEU A 28 -0.95 -12.11 -28.60
C LEU A 28 -0.40 -12.40 -30.00
N GLN A 29 0.77 -12.99 -30.12
CA GLN A 29 1.34 -13.23 -31.48
C GLN A 29 0.43 -14.21 -32.25
N LYS A 30 -0.06 -15.25 -31.58
CA LYS A 30 -0.97 -16.23 -32.24
C LYS A 30 -2.23 -15.56 -32.72
N ARG A 31 -2.76 -14.55 -32.03
CA ARG A 31 -3.96 -13.80 -32.35
C ARG A 31 -3.72 -12.76 -33.44
N GLY A 32 -2.47 -12.61 -33.84
CA GLY A 32 -2.04 -11.74 -34.95
C GLY A 32 -1.69 -10.33 -34.52
N PHE A 33 -1.47 -10.11 -33.22
CA PHE A 33 -0.96 -8.78 -32.77
C PHE A 33 0.52 -8.69 -33.19
N ASN A 34 0.84 -7.63 -33.94
CA ASN A 34 2.10 -7.54 -34.73
C ASN A 34 3.00 -6.47 -34.13
N ASN A 35 2.62 -5.81 -33.04
CA ASN A 35 3.34 -4.58 -32.62
C ASN A 35 3.55 -4.59 -31.10
N LEU A 36 4.38 -5.53 -30.67
CA LEU A 36 4.71 -5.68 -29.23
C LEU A 36 5.98 -4.89 -28.95
N VAL A 37 6.06 -4.20 -27.82
CA VAL A 37 7.34 -3.63 -27.33
C VAL A 37 7.69 -4.32 -26.01
N LEU A 38 8.91 -4.85 -25.94
CA LEU A 38 9.44 -5.75 -24.89
C LEU A 38 10.79 -5.23 -24.47
N LYS A 39 10.97 -5.07 -23.16
CA LYS A 39 12.26 -4.62 -22.58
C LYS A 39 12.66 -5.56 -21.46
N THR A 40 13.86 -6.11 -21.54
CA THR A 40 14.39 -6.91 -20.44
C THR A 40 14.70 -6.01 -19.23
N ARG A 41 14.91 -6.62 -18.06
CA ARG A 41 15.33 -5.88 -16.85
C ARG A 41 16.60 -5.08 -17.13
N GLN A 42 17.53 -5.64 -17.91
CA GLN A 42 18.84 -4.99 -18.21
C GLN A 42 18.61 -3.75 -19.07
N GLU A 43 17.63 -3.78 -19.97
CA GLU A 43 17.24 -2.66 -20.85
C GLU A 43 16.44 -1.60 -20.09
N LEU A 44 15.62 -2.02 -19.12
CA LEU A 44 14.68 -1.06 -18.47
C LEU A 44 14.41 -1.58 -17.06
N ASP A 45 15.01 -0.94 -16.06
CA ASP A 45 14.76 -1.30 -14.64
C ASP A 45 13.49 -0.59 -14.18
N LEU A 46 12.42 -1.36 -13.96
CA LEU A 46 11.08 -0.72 -13.72
C LEU A 46 11.00 -0.13 -12.30
N VAL A 47 11.97 -0.36 -11.44
CA VAL A 47 12.08 0.37 -10.14
C VAL A 47 12.57 1.81 -10.36
N ASN A 48 13.25 2.09 -11.49
CA ASN A 48 13.89 3.39 -11.73
C ASN A 48 12.90 4.31 -12.44
N GLN A 49 12.38 5.28 -11.73
CA GLN A 49 11.41 6.24 -12.26
C GLN A 49 11.94 6.92 -13.52
N GLN A 50 13.19 7.39 -13.51
CA GLN A 50 13.75 8.17 -14.64
C GLN A 50 13.70 7.29 -15.90
N ALA A 51 14.13 6.06 -15.80
CA ALA A 51 14.17 5.14 -16.97
C ALA A 51 12.75 4.83 -17.45
N VAL A 52 11.80 4.60 -16.53
CA VAL A 52 10.40 4.28 -16.95
C VAL A 52 9.76 5.50 -17.61
N ALA A 53 9.97 6.71 -17.09
CA ALA A 53 9.32 7.93 -17.61
C ALA A 53 9.86 8.16 -19.02
N LYS A 54 11.15 7.88 -19.20
CA LYS A 54 11.82 8.05 -20.53
C LYS A 54 11.21 7.03 -21.50
N PHE A 55 11.11 5.77 -21.11
CA PHE A 55 10.52 4.71 -21.97
C PHE A 55 9.16 5.13 -22.45
N PHE A 56 8.26 5.56 -21.56
CA PHE A 56 6.90 5.92 -21.96
C PHE A 56 6.89 7.15 -22.87
N LYS A 57 7.70 8.16 -22.57
CA LYS A 57 7.76 9.38 -23.42
C LYS A 57 8.27 9.04 -24.81
N GLU A 58 9.24 8.11 -24.91
CA GLU A 58 9.96 7.88 -26.20
C GLU A 58 9.32 6.76 -27.01
N GLU A 59 8.54 5.88 -26.39
CA GLU A 59 7.92 4.69 -27.06
C GLU A 59 6.40 4.83 -27.17
N LYS A 60 5.75 5.60 -26.30
CA LYS A 60 4.30 5.85 -26.35
C LYS A 60 3.51 4.57 -26.62
N PRO A 61 3.63 3.53 -25.78
CA PRO A 61 2.74 2.37 -25.96
C PRO A 61 1.28 2.78 -25.76
N GLU A 62 0.39 2.04 -26.44
CA GLU A 62 -1.06 2.30 -26.41
C GLU A 62 -1.75 1.43 -25.36
N TYR A 63 -1.24 0.24 -25.13
CA TYR A 63 -1.83 -0.73 -24.20
C TYR A 63 -0.70 -1.33 -23.37
N VAL A 64 -0.99 -1.63 -22.11
CA VAL A 64 0.04 -2.10 -21.16
C VAL A 64 -0.48 -3.32 -20.41
N PHE A 65 0.29 -4.40 -20.41
CA PHE A 65 0.05 -5.53 -19.51
C PHE A 65 1.19 -5.51 -18.49
N LEU A 66 0.86 -5.27 -17.22
CA LEU A 66 1.87 -5.04 -16.17
C LEU A 66 2.06 -6.37 -15.44
N THR A 67 3.00 -7.20 -15.87
CA THR A 67 3.22 -8.54 -15.25
C THR A 67 4.45 -8.51 -14.34
N ALA A 68 5.29 -7.49 -14.41
CA ALA A 68 6.57 -7.48 -13.68
C ALA A 68 6.34 -7.46 -12.18
N VAL A 69 7.09 -8.24 -11.43
CA VAL A 69 6.91 -8.36 -9.97
C VAL A 69 8.19 -8.93 -9.36
N LEU A 70 8.44 -8.57 -8.11
CA LEU A 70 9.28 -9.37 -7.19
C LEU A 70 8.33 -10.26 -6.43
N PRO A 71 8.27 -11.57 -6.77
CA PRO A 71 7.24 -12.45 -6.21
C PRO A 71 7.62 -12.94 -4.82
N CYS A 72 6.63 -13.14 -3.98
CA CYS A 72 6.83 -13.58 -2.58
C CYS A 72 6.55 -15.08 -2.51
N GLY A 73 7.57 -15.84 -2.12
CA GLY A 73 7.52 -17.31 -2.03
C GLY A 73 8.19 -17.78 -0.76
N ALA A 74 8.03 -19.07 -0.43
CA ALA A 74 8.63 -19.64 0.80
C ALA A 74 10.13 -19.36 0.84
N ALA A 75 10.84 -19.47 -0.30
CA ALA A 75 12.31 -19.42 -0.37
C ALA A 75 12.82 -18.00 -0.07
N ASN A 76 12.07 -16.95 -0.46
CA ASN A 76 12.61 -15.56 -0.40
C ASN A 76 11.82 -14.72 0.61
N VAL A 77 11.07 -15.36 1.52
CA VAL A 77 10.14 -14.67 2.46
C VAL A 77 10.91 -13.67 3.35
N ALA A 78 12.22 -13.81 3.55
CA ALA A 78 13.03 -12.81 4.33
C ALA A 78 13.08 -11.45 3.62
N GLN A 79 12.71 -11.34 2.35
CA GLN A 79 12.86 -10.05 1.62
C GLN A 79 11.64 -9.15 1.88
N ARG A 80 11.29 -8.97 3.14
CA ARG A 80 10.03 -8.31 3.55
C ARG A 80 10.02 -6.85 3.08
N ALA A 81 11.13 -6.12 3.17
CA ALA A 81 11.16 -4.72 2.69
C ALA A 81 11.15 -4.69 1.17
N ASP A 82 11.90 -5.56 0.51
CA ASP A 82 11.97 -5.53 -0.95
C ASP A 82 10.59 -5.79 -1.56
N PHE A 83 9.80 -6.65 -0.94
CA PHE A 83 8.47 -7.01 -1.51
C PHE A 83 7.60 -5.77 -1.59
N ILE A 84 7.68 -4.89 -0.60
CA ILE A 84 6.82 -3.69 -0.63
C ILE A 84 7.51 -2.60 -1.47
N TYR A 85 8.76 -2.29 -1.25
CA TYR A 85 9.40 -1.18 -1.98
C TYR A 85 9.44 -1.46 -3.48
N GLU A 86 9.98 -2.61 -3.89
CA GLU A 86 10.21 -2.83 -5.34
C GLU A 86 8.88 -2.92 -6.06
N ASN A 87 7.88 -3.60 -5.49
CA ASN A 87 6.59 -3.74 -6.17
C ASN A 87 5.87 -2.39 -6.18
N LEU A 88 5.93 -1.61 -5.09
CA LEU A 88 5.26 -0.28 -5.15
C LEU A 88 5.96 0.55 -6.22
N MET A 89 7.27 0.48 -6.34
CA MET A 89 7.96 1.33 -7.35
C MET A 89 7.56 0.89 -8.77
N ILE A 90 7.58 -0.40 -9.05
CA ILE A 90 7.16 -0.93 -10.39
C ILE A 90 5.75 -0.46 -10.69
N GLN A 91 4.84 -0.73 -9.78
CA GLN A 91 3.44 -0.31 -9.92
C GLN A 91 3.34 1.20 -10.16
N ASN A 92 3.97 1.99 -9.30
CA ASN A 92 3.78 3.45 -9.35
C ASN A 92 4.40 3.97 -10.65
N ASN A 93 5.57 3.47 -10.98
CA ASN A 93 6.26 4.01 -12.17
C ASN A 93 5.45 3.68 -13.41
N VAL A 94 5.00 2.44 -13.55
CA VAL A 94 4.29 2.03 -14.77
C VAL A 94 2.92 2.69 -14.82
N ILE A 95 2.15 2.64 -13.76
CA ILE A 95 0.77 3.19 -13.79
C ILE A 95 0.87 4.69 -14.01
N HIS A 96 1.70 5.41 -13.26
CA HIS A 96 1.68 6.88 -13.39
C HIS A 96 2.19 7.29 -14.77
N ASN A 97 3.23 6.67 -15.26
CA ASN A 97 3.80 7.11 -16.58
C ASN A 97 2.85 6.66 -17.69
N SER A 98 2.06 5.64 -17.48
CA SER A 98 1.01 5.26 -18.45
C SER A 98 0.01 6.40 -18.52
N PHE A 99 -0.44 6.90 -17.39
CA PHE A 99 -1.34 8.08 -17.33
C PHE A 99 -0.70 9.28 -18.03
N LEU A 100 0.53 9.59 -17.68
CA LEU A 100 1.20 10.81 -18.22
C LEU A 100 1.32 10.74 -19.74
N ASN A 101 1.35 9.54 -20.32
CA ASN A 101 1.61 9.40 -21.79
C ASN A 101 0.36 8.82 -22.48
N ASN A 102 -0.82 8.96 -21.91
CA ASN A 102 -2.11 8.71 -22.60
C ASN A 102 -2.19 7.28 -23.12
N VAL A 103 -1.65 6.33 -22.35
CA VAL A 103 -1.95 4.90 -22.57
C VAL A 103 -3.47 4.74 -22.62
N LYS A 104 -4.00 3.99 -23.56
CA LYS A 104 -5.45 3.77 -23.65
C LYS A 104 -5.96 2.90 -22.51
N LYS A 105 -5.27 1.78 -22.26
CA LYS A 105 -5.79 0.81 -21.28
C LYS A 105 -4.63 -0.02 -20.73
N LEU A 106 -4.77 -0.39 -19.47
CA LEU A 106 -3.72 -1.14 -18.74
C LEU A 106 -4.41 -2.26 -17.99
N VAL A 107 -3.74 -3.43 -17.94
CA VAL A 107 -4.15 -4.56 -17.06
C VAL A 107 -3.01 -4.84 -16.09
N PHE A 108 -3.36 -4.89 -14.81
CA PHE A 108 -2.45 -5.15 -13.67
C PHE A 108 -2.91 -6.44 -12.99
N PHE A 109 -1.98 -7.19 -12.42
CA PHE A 109 -2.30 -8.48 -11.75
C PHE A 109 -2.07 -8.38 -10.24
N GLY A 110 -3.10 -8.74 -9.48
CA GLY A 110 -3.04 -8.88 -8.04
C GLY A 110 -2.83 -10.33 -7.63
N SER A 111 -2.65 -10.52 -6.33
CA SER A 111 -2.48 -11.84 -5.69
C SER A 111 -3.53 -12.02 -4.62
N GLY A 112 -4.01 -13.23 -4.38
CA GLY A 112 -4.91 -13.51 -3.26
C GLY A 112 -4.28 -13.26 -1.90
N TYR A 113 -2.98 -12.97 -1.84
CA TYR A 113 -2.35 -12.53 -0.57
C TYR A 113 -2.88 -11.16 -0.18
N MET A 114 -3.53 -10.44 -1.09
CA MET A 114 -4.14 -9.13 -0.78
CA MET A 114 -4.10 -9.13 -0.72
C MET A 114 -5.41 -9.31 0.06
N TYR A 115 -5.93 -10.52 0.21
CA TYR A 115 -7.19 -10.76 0.94
C TYR A 115 -6.85 -11.20 2.36
N PRO A 116 -7.76 -10.92 3.31
CA PRO A 116 -7.53 -11.36 4.68
C PRO A 116 -7.25 -12.86 4.82
N GLU A 117 -6.31 -13.21 5.71
CA GLU A 117 -5.95 -14.61 6.02
C GLU A 117 -7.21 -15.40 6.43
N ASN A 118 -8.08 -14.76 7.21
CA ASN A 118 -9.25 -15.48 7.80
C ASN A 118 -10.52 -15.25 6.97
N ALA A 119 -10.45 -14.65 5.79
CA ALA A 119 -11.63 -14.45 4.92
C ALA A 119 -12.23 -15.81 4.55
N LYS A 120 -13.55 -15.79 4.40
CA LYS A 120 -14.33 -16.94 3.89
C LYS A 120 -13.87 -17.32 2.49
N ASN A 121 -13.75 -18.61 2.19
CA ASN A 121 -13.67 -19.12 0.81
C ASN A 121 -15.07 -19.48 0.32
N PRO A 122 -15.41 -19.22 -0.94
CA PRO A 122 -14.51 -18.59 -1.92
C PRO A 122 -14.39 -17.09 -1.67
N LEU A 123 -13.26 -16.52 -2.09
CA LEU A 123 -12.92 -15.12 -1.78
C LEU A 123 -13.62 -14.18 -2.76
N LYS A 124 -14.44 -13.28 -2.23
CA LYS A 124 -15.14 -12.25 -3.00
C LYS A 124 -14.27 -10.99 -3.09
N GLU A 125 -14.44 -10.23 -4.18
CA GLU A 125 -13.66 -8.98 -4.32
C GLU A 125 -13.89 -8.06 -3.11
N GLU A 126 -15.09 -8.04 -2.55
CA GLU A 126 -15.45 -7.12 -1.45
C GLU A 126 -14.81 -7.54 -0.14
N TYR A 127 -14.05 -8.65 -0.06
CA TYR A 127 -13.37 -9.03 1.18
C TYR A 127 -12.07 -8.22 1.38
N LEU A 128 -11.67 -7.41 0.41
CA LEU A 128 -10.51 -6.51 0.64
C LEU A 128 -10.71 -5.70 1.93
N PHE A 129 -9.67 -5.65 2.77
CA PHE A 129 -9.60 -4.87 4.03
C PHE A 129 -10.45 -5.49 5.15
N GLN A 130 -11.03 -6.68 4.97
CA GLN A 130 -11.88 -7.26 6.04
C GLN A 130 -11.05 -8.17 6.94
N GLY A 131 -9.93 -7.67 7.47
CA GLY A 131 -9.09 -8.41 8.40
C GLY A 131 -7.65 -8.47 7.98
N ASP A 132 -6.79 -8.93 8.88
CA ASP A 132 -5.34 -8.79 8.58
C ASP A 132 -4.88 -9.86 7.60
N LEU A 133 -3.80 -9.52 6.93
CA LEU A 133 -3.16 -10.37 5.93
C LEU A 133 -2.31 -11.43 6.62
N GLU A 134 -2.01 -12.47 5.87
CA GLU A 134 -1.11 -13.55 6.34
C GLU A 134 0.28 -12.97 6.58
N TYR A 135 0.97 -13.43 7.63
CA TYR A 135 2.19 -12.76 8.10
C TYR A 135 3.31 -12.77 7.06
N GLY A 136 3.65 -13.93 6.49
CA GLY A 136 4.77 -14.00 5.56
C GLY A 136 4.61 -13.10 4.35
N ALA A 137 3.37 -12.97 3.87
CA ALA A 137 3.11 -12.22 2.64
C ALA A 137 2.51 -10.85 2.96
N TYR A 138 2.61 -10.42 4.21
CA TYR A 138 1.95 -9.16 4.64
C TYR A 138 2.38 -7.96 3.80
N SER A 139 3.67 -7.75 3.65
CA SER A 139 4.17 -6.55 2.93
C SER A 139 3.94 -6.69 1.42
N PHE A 140 3.99 -7.90 0.87
CA PHE A 140 3.67 -8.18 -0.54
C PHE A 140 2.20 -7.89 -0.81
N GLY A 141 1.35 -8.43 0.06
CA GLY A 141 -0.09 -8.21 -0.11
C GLY A 141 -0.45 -6.75 0.05
N ALA A 142 0.23 -6.04 0.94
CA ALA A 142 -0.02 -4.60 1.12
C ALA A 142 0.35 -3.87 -0.17
N ALA A 143 1.45 -4.24 -0.81
CA ALA A 143 1.84 -3.61 -2.08
C ALA A 143 0.80 -3.91 -3.16
N LYS A 144 0.29 -5.13 -3.25
CA LYS A 144 -0.73 -5.46 -4.26
C LYS A 144 -2.00 -4.65 -3.97
N ILE A 145 -2.39 -4.49 -2.71
CA ILE A 145 -3.57 -3.64 -2.40
C ILE A 145 -3.32 -2.25 -2.96
N ALA A 146 -2.14 -1.67 -2.67
CA ALA A 146 -1.81 -0.33 -3.19
C ALA A 146 -1.88 -0.27 -4.72
N GLY A 147 -1.46 -1.33 -5.41
CA GLY A 147 -1.54 -1.39 -6.87
C GLY A 147 -2.99 -1.36 -7.33
N ALA A 148 -3.85 -2.13 -6.71
CA ALA A 148 -5.28 -2.15 -7.07
C ALA A 148 -5.90 -0.78 -6.82
N ILE A 149 -5.58 -0.18 -5.69
CA ILE A 149 -6.18 1.14 -5.32
C ILE A 149 -5.62 2.22 -6.25
N MET A 150 -4.36 2.04 -6.69
CA MET A 150 -3.72 2.99 -7.63
C MET A 150 -4.47 2.97 -8.96
N CYS A 151 -4.80 1.77 -9.47
CA CYS A 151 -5.54 1.64 -10.74
C CYS A 151 -6.90 2.32 -10.59
N GLU A 152 -7.63 2.00 -9.54
CA GLU A 152 -9.03 2.51 -9.42
C GLU A 152 -9.00 4.02 -9.22
N SER A 153 -8.05 4.51 -8.46
CA SER A 153 -7.99 5.94 -8.13
C SER A 153 -7.70 6.77 -9.38
N TYR A 154 -6.81 6.31 -10.24
CA TYR A 154 -6.56 6.96 -11.55
C TYR A 154 -7.84 6.91 -12.38
N ASN A 155 -8.53 5.78 -12.39
CA ASN A 155 -9.78 5.66 -13.18
C ASN A 155 -10.78 6.71 -12.70
N ILE A 156 -10.87 6.93 -11.40
CA ILE A 156 -11.87 7.87 -10.82
C ILE A 156 -11.43 9.33 -11.08
N GLN A 157 -10.22 9.69 -10.73
CA GLN A 157 -9.78 11.09 -10.80
C GLN A 157 -9.58 11.48 -12.26
N TYR A 158 -8.95 10.64 -13.04
CA TYR A 158 -8.43 11.02 -14.38
C TYR A 158 -9.18 10.28 -15.49
N GLY A 159 -10.15 9.43 -15.20
CA GLY A 159 -10.91 8.71 -16.24
C GLY A 159 -10.01 7.85 -17.10
N THR A 160 -8.96 7.29 -16.51
CA THR A 160 -8.13 6.25 -17.14
C THR A 160 -8.94 4.94 -17.19
N ASN A 161 -8.32 3.90 -17.73
CA ASN A 161 -8.97 2.60 -17.92
C ASN A 161 -7.91 1.54 -17.52
N PHE A 162 -7.66 1.46 -16.22
CA PHE A 162 -6.61 0.59 -15.63
C PHE A 162 -7.30 -0.46 -14.79
N ILE A 163 -7.20 -1.74 -15.20
CA ILE A 163 -8.03 -2.85 -14.62
C ILE A 163 -7.11 -3.83 -13.89
N THR A 164 -7.52 -4.22 -12.68
CA THR A 164 -6.77 -5.17 -11.86
C THR A 164 -7.46 -6.54 -11.89
N LEU A 165 -6.71 -7.61 -12.20
CA LEU A 165 -7.18 -9.01 -12.18
C LEU A 165 -6.42 -9.75 -11.09
N VAL A 166 -7.11 -10.47 -10.24
CA VAL A 166 -6.48 -11.04 -9.01
C VAL A 166 -6.55 -12.56 -9.08
N LEU A 167 -5.42 -13.25 -8.91
CA LEU A 167 -5.36 -14.73 -8.98
C LEU A 167 -4.60 -15.30 -7.77
N ASN A 168 -4.71 -16.60 -7.58
CA ASN A 168 -4.00 -17.25 -6.46
C ASN A 168 -2.72 -17.94 -6.92
N ASN A 169 -2.78 -18.86 -7.87
CA ASN A 169 -1.60 -19.69 -8.22
C ASN A 169 -1.60 -19.96 -9.70
N LEU A 170 -0.51 -19.61 -10.37
CA LEU A 170 -0.30 -19.75 -11.81
C LEU A 170 0.55 -20.97 -12.08
N TYR A 171 0.20 -21.76 -13.07
CA TYR A 171 1.09 -22.85 -13.56
C TYR A 171 1.09 -22.85 -15.09
N GLY A 172 1.97 -23.65 -15.68
CA GLY A 172 1.96 -23.81 -17.15
C GLY A 172 2.58 -25.13 -17.53
N THR A 173 2.67 -25.39 -18.83
CA THR A 173 3.24 -26.66 -19.34
C THR A 173 4.74 -26.74 -19.05
N LYS A 174 5.51 -25.69 -19.30
CA LYS A 174 6.99 -25.72 -19.27
C LYS A 174 7.50 -25.29 -17.90
N ALA A 175 7.30 -26.13 -16.89
CA ALA A 175 7.61 -25.86 -15.47
C ALA A 175 9.08 -26.15 -15.13
N ASN A 176 9.52 -25.66 -13.97
CA ASN A 176 10.81 -26.01 -13.34
C ASN A 176 10.61 -27.27 -12.49
N PHE A 177 11.36 -28.36 -12.78
CA PHE A 177 11.16 -29.67 -12.11
C PHE A 177 12.32 -29.98 -11.15
N ASP A 178 13.19 -29.00 -10.92
CA ASP A 178 14.35 -29.12 -9.98
C ASP A 178 13.85 -29.42 -8.57
N PHE A 179 14.46 -30.40 -7.88
CA PHE A 179 14.13 -30.76 -6.48
C PHE A 179 14.33 -29.54 -5.56
N GLY A 180 13.43 -29.38 -4.58
CA GLY A 180 13.43 -28.30 -3.57
C GLY A 180 13.45 -26.90 -4.19
N LYS A 181 13.16 -26.78 -5.49
CA LYS A 181 13.11 -25.49 -6.22
C LYS A 181 11.85 -25.44 -7.10
N SER A 182 11.05 -26.51 -7.08
CA SER A 182 9.88 -26.73 -7.95
C SER A 182 8.59 -26.45 -7.17
N ARG A 183 7.55 -25.97 -7.86
CA ARG A 183 6.22 -25.69 -7.26
C ARG A 183 5.45 -27.00 -7.08
N VAL A 184 4.28 -26.96 -6.46
CA VAL A 184 3.47 -28.17 -6.08
C VAL A 184 3.24 -29.14 -7.26
N LEU A 185 2.74 -28.70 -8.42
CA LEU A 185 2.39 -29.67 -9.49
C LEU A 185 3.66 -30.30 -10.05
N PRO A 186 4.69 -29.52 -10.48
CA PRO A 186 5.86 -30.16 -11.07
C PRO A 186 6.54 -31.07 -10.04
N ALA A 187 6.54 -30.70 -8.76
CA ALA A 187 7.22 -31.48 -7.71
C ALA A 187 6.50 -32.82 -7.59
N LEU A 188 5.18 -32.82 -7.52
CA LEU A 188 4.40 -34.08 -7.49
C LEU A 188 4.63 -34.88 -8.76
N LEU A 189 4.61 -34.26 -9.95
CA LEU A 189 4.79 -34.99 -11.23
C LEU A 189 6.10 -35.79 -11.16
N ARG A 190 7.18 -35.12 -10.79
CA ARG A 190 8.52 -35.75 -10.80
C ARG A 190 8.54 -36.86 -9.75
N LYS A 191 7.94 -36.66 -8.58
CA LYS A 191 7.95 -37.69 -7.50
C LYS A 191 7.28 -38.95 -8.06
N PHE A 192 6.14 -38.80 -8.71
CA PHE A 192 5.34 -39.96 -9.16
C PHE A 192 6.06 -40.64 -10.32
N HIS A 193 6.69 -39.86 -11.20
CA HIS A 193 7.44 -40.38 -12.36
C HIS A 193 8.54 -41.28 -11.82
N LEU A 194 9.29 -40.78 -10.84
CA LEU A 194 10.45 -41.54 -10.30
C LEU A 194 9.95 -42.77 -9.55
N ALA A 195 8.86 -42.65 -8.79
CA ALA A 195 8.24 -43.80 -8.07
C ALA A 195 7.84 -44.87 -9.08
N LYS A 196 7.27 -44.44 -10.20
CA LYS A 196 6.90 -45.39 -11.30
C LYS A 196 8.17 -46.09 -11.81
N LEU A 197 9.23 -45.34 -12.12
CA LEU A 197 10.50 -45.90 -12.65
C LEU A 197 11.06 -46.91 -11.62
N LEU A 198 11.02 -46.59 -10.32
CA LEU A 198 11.46 -47.51 -9.23
C LEU A 198 10.62 -48.79 -9.23
N SER A 199 9.30 -48.67 -9.41
CA SER A 199 8.35 -49.82 -9.33
C SER A 199 8.49 -50.70 -10.58
N GLU A 200 9.05 -50.17 -11.67
CA GLU A 200 9.24 -50.89 -12.96
C GLU A 200 10.68 -51.41 -13.07
N GLY A 201 11.55 -51.08 -12.11
CA GLY A 201 12.97 -51.46 -12.09
C GLY A 201 13.78 -50.78 -13.19
N ASN A 202 13.31 -49.66 -13.76
CA ASN A 202 14.06 -48.92 -14.80
C ASN A 202 15.19 -48.16 -14.12
N ILE A 203 16.19 -48.89 -13.60
CA ILE A 203 17.35 -48.26 -12.94
C ILE A 203 17.99 -47.29 -13.91
N THR A 204 18.14 -47.66 -15.19
CA THR A 204 18.85 -46.82 -16.18
C THR A 204 18.15 -45.45 -16.30
N GLN A 205 16.83 -45.43 -16.36
CA GLN A 205 16.09 -44.15 -16.59
C GLN A 205 16.13 -43.30 -15.32
N ILE A 206 16.11 -43.94 -14.14
CA ILE A 206 16.31 -43.23 -12.84
C ILE A 206 17.65 -42.51 -12.86
N LEU A 207 18.77 -43.18 -13.20
CA LEU A 207 20.08 -42.53 -13.16
C LEU A 207 20.14 -41.35 -14.14
N GLN A 208 19.52 -41.50 -15.31
CA GLN A 208 19.46 -40.47 -16.37
C GLN A 208 18.68 -39.26 -15.82
N ASP A 209 17.49 -39.51 -15.26
CA ASP A 209 16.58 -38.47 -14.71
C ASP A 209 17.32 -37.68 -13.62
N LEU A 210 17.97 -38.37 -12.66
CA LEU A 210 18.66 -37.72 -11.52
C LEU A 210 20.06 -37.23 -11.91
N LYS A 211 20.54 -37.62 -13.09
CA LYS A 211 21.93 -37.36 -13.55
C LYS A 211 22.89 -37.89 -12.48
N MET A 212 22.69 -39.14 -12.09
CA MET A 212 23.53 -39.83 -11.10
C MET A 212 24.10 -41.11 -11.73
N ASN A 213 25.13 -41.67 -11.09
CA ASN A 213 25.94 -42.78 -11.67
C ASN A 213 26.00 -43.95 -10.70
N ASN A 214 25.31 -43.88 -9.57
CA ASN A 214 25.33 -44.94 -8.54
C ASN A 214 23.92 -45.20 -8.04
N PHE A 215 23.40 -46.41 -8.18
CA PHE A 215 21.98 -46.69 -7.87
C PHE A 215 21.78 -46.68 -6.35
N GLU A 216 22.70 -47.20 -5.55
CA GLU A 216 22.56 -47.08 -4.07
C GLU A 216 22.40 -45.61 -3.66
N GLU A 217 23.23 -44.72 -4.18
CA GLU A 217 23.17 -43.26 -3.91
C GLU A 217 21.80 -42.73 -4.38
N ALA A 218 21.30 -43.17 -5.53
CA ALA A 218 20.04 -42.68 -6.11
C ALA A 218 18.87 -43.12 -5.22
N LYS A 219 18.86 -44.35 -4.73
CA LYS A 219 17.76 -44.88 -3.89
C LYS A 219 17.74 -44.05 -2.60
N GLU A 220 18.91 -43.78 -2.02
CA GLU A 220 19.02 -42.95 -0.79
C GLU A 220 18.37 -41.58 -1.05
N TYR A 221 18.79 -40.93 -2.14
CA TYR A 221 18.34 -39.57 -2.53
C TYR A 221 16.82 -39.59 -2.72
N LEU A 222 16.29 -40.59 -3.42
CA LEU A 222 14.82 -40.71 -3.67
C LEU A 222 14.09 -40.90 -2.33
N HIS A 223 14.57 -41.79 -1.46
CA HIS A 223 13.95 -42.03 -0.12
C HIS A 223 13.93 -40.74 0.71
N ASN A 224 14.96 -39.89 0.62
CA ASN A 224 15.05 -38.60 1.37
C ASN A 224 13.89 -37.69 0.92
N PHE A 225 13.38 -37.88 -0.30
CA PHE A 225 12.30 -37.06 -0.90
C PHE A 225 10.97 -37.81 -0.87
N GLY A 226 10.89 -38.87 -0.07
CA GLY A 226 9.67 -39.67 0.16
C GLY A 226 9.24 -40.50 -1.04
N ILE A 227 10.17 -40.80 -1.95
CA ILE A 227 9.89 -41.57 -3.20
C ILE A 227 10.38 -43.01 -2.98
N SER A 228 9.50 -43.98 -3.15
CA SER A 228 9.81 -45.43 -3.04
C SER A 228 9.00 -46.21 -4.07
N LYS A 229 9.29 -47.51 -4.26
CA LYS A 229 8.63 -48.34 -5.30
C LYS A 229 7.13 -48.48 -4.98
N LYS A 230 6.78 -48.42 -3.70
CA LYS A 230 5.45 -48.80 -3.18
C LYS A 230 4.65 -47.53 -2.83
N SER A 231 5.31 -46.40 -2.59
CA SER A 231 4.63 -45.19 -2.05
C SER A 231 5.35 -43.88 -2.41
N VAL A 232 4.57 -42.79 -2.41
CA VAL A 232 5.08 -41.40 -2.34
C VAL A 232 4.54 -40.76 -1.06
N GLU A 233 5.43 -40.18 -0.27
CA GLU A 233 5.09 -39.41 0.95
C GLU A 233 4.69 -38.00 0.54
N ILE A 234 3.53 -37.54 1.04
CA ILE A 234 3.05 -36.12 0.96
C ILE A 234 3.36 -35.50 2.32
N TRP A 235 4.21 -34.47 2.36
CA TRP A 235 4.64 -33.85 3.64
C TRP A 235 3.57 -32.82 4.02
N GLY A 236 2.61 -33.26 4.86
CA GLY A 236 1.34 -32.57 5.15
C GLY A 236 0.23 -33.56 5.46
N THR A 237 -0.91 -33.06 5.94
CA THR A 237 -2.12 -33.88 6.26
C THR A 237 -2.84 -34.29 4.97
N GLY A 238 -2.62 -33.55 3.88
CA GLY A 238 -3.34 -33.70 2.60
C GLY A 238 -4.58 -32.82 2.49
N LYS A 239 -4.91 -32.03 3.51
CA LYS A 239 -6.20 -31.29 3.56
C LYS A 239 -6.01 -29.86 3.10
N VAL A 240 -4.78 -29.34 3.14
CA VAL A 240 -4.50 -28.00 2.56
C VAL A 240 -5.19 -28.04 1.20
N ARG A 241 -5.94 -26.98 0.86
CA ARG A 241 -6.58 -26.88 -0.46
C ARG A 241 -5.74 -25.94 -1.28
N ARG A 242 -5.82 -26.14 -2.59
CA ARG A 242 -5.12 -25.31 -3.57
C ARG A 242 -5.94 -25.17 -4.85
N GLU A 243 -5.95 -23.96 -5.42
CA GLU A 243 -6.44 -23.78 -6.79
C GLU A 243 -5.28 -23.38 -7.70
N PHE A 244 -5.55 -23.49 -8.98
CA PHE A 244 -4.54 -23.30 -10.04
C PHE A 244 -5.22 -22.65 -11.23
N ILE A 245 -4.48 -21.77 -11.90
CA ILE A 245 -4.89 -21.26 -13.23
C ILE A 245 -3.71 -21.44 -14.18
N HIS A 246 -4.01 -22.03 -15.32
CA HIS A 246 -3.02 -22.23 -16.40
C HIS A 246 -2.66 -20.89 -17.03
N SER A 247 -1.39 -20.68 -17.38
CA SER A 247 -0.91 -19.42 -17.99
C SER A 247 -1.60 -19.14 -19.31
N ASP A 248 -2.10 -20.14 -20.03
CA ASP A 248 -2.84 -19.83 -21.27
C ASP A 248 -4.24 -19.29 -20.93
N ASP A 249 -4.83 -19.74 -19.84
CA ASP A 249 -6.11 -19.18 -19.35
C ASP A 249 -5.85 -17.78 -18.77
N LEU A 250 -4.74 -17.54 -18.06
CA LEU A 250 -4.41 -16.17 -17.58
CA LEU A 250 -4.42 -16.17 -17.58
C LEU A 250 -4.28 -15.25 -18.80
N ALA A 251 -3.55 -15.69 -19.81
CA ALA A 251 -3.37 -14.82 -20.99
C ALA A 251 -4.74 -14.57 -21.63
N ASP A 252 -5.57 -15.60 -21.71
CA ASP A 252 -6.90 -15.48 -22.37
CA ASP A 252 -6.89 -15.47 -22.38
C ASP A 252 -7.74 -14.43 -21.63
N VAL A 253 -7.78 -14.51 -20.31
CA VAL A 253 -8.68 -13.60 -19.55
C VAL A 253 -8.09 -12.18 -19.57
N ALA A 254 -6.76 -12.07 -19.50
CA ALA A 254 -6.11 -10.74 -19.55
C ALA A 254 -6.43 -10.07 -20.89
N ILE A 255 -6.35 -10.82 -21.98
CA ILE A 255 -6.63 -10.26 -23.32
C ILE A 255 -8.15 -10.00 -23.46
N TYR A 256 -8.96 -10.89 -22.94
CA TYR A 256 -10.43 -10.73 -22.94
C TYR A 256 -10.77 -9.44 -22.22
N THR A 257 -10.11 -9.19 -21.07
CA THR A 257 -10.36 -7.97 -20.26
C THR A 257 -9.94 -6.77 -21.07
N MET A 258 -8.76 -6.81 -21.67
CA MET A 258 -8.30 -5.66 -22.45
C MET A 258 -9.32 -5.36 -23.56
N GLN A 259 -9.90 -6.36 -24.18
CA GLN A 259 -10.74 -6.14 -25.37
C GLN A 259 -12.18 -5.80 -24.97
N ASN A 260 -12.65 -6.15 -23.78
CA ASN A 260 -14.09 -6.15 -23.48
C ASN A 260 -14.49 -5.47 -22.17
N ILE A 261 -13.63 -5.46 -21.16
CA ILE A 261 -14.03 -5.07 -19.79
C ILE A 261 -13.41 -3.72 -19.49
N ASP A 262 -14.27 -2.71 -19.45
CA ASP A 262 -13.81 -1.33 -19.18
C ASP A 262 -14.25 -0.89 -17.79
N PHE A 263 -13.56 0.11 -17.26
CA PHE A 263 -13.90 0.65 -15.93
C PHE A 263 -15.39 1.00 -15.85
N LYS A 264 -15.91 1.65 -16.90
CA LYS A 264 -17.36 1.88 -17.18
C LYS A 264 -18.23 0.71 -16.69
N ASP A 265 -17.76 -0.51 -16.96
CA ASP A 265 -18.52 -1.77 -16.81
C ASP A 265 -18.48 -2.23 -15.34
N LEU A 266 -17.57 -1.67 -14.52
CA LEU A 266 -17.30 -2.18 -13.17
C LEU A 266 -17.84 -1.24 -12.10
N ILE A 267 -18.10 0.03 -12.43
CA ILE A 267 -18.33 1.11 -11.42
C ILE A 267 -19.78 1.04 -10.95
N LYS A 271 -20.53 5.48 -4.18
CA LYS A 271 -19.32 5.28 -3.33
C LYS A 271 -18.58 4.03 -3.83
N SER A 272 -18.14 4.08 -5.09
CA SER A 272 -17.61 2.94 -5.86
C SER A 272 -16.18 2.54 -5.44
N LYS A 273 -15.99 1.24 -5.27
CA LYS A 273 -14.79 0.63 -4.66
C LYS A 273 -14.83 -0.85 -5.03
N ASN A 274 -13.71 -1.54 -4.83
CA ASN A 274 -13.59 -3.01 -5.10
C ASN A 274 -13.92 -3.27 -6.56
N THR A 275 -13.33 -2.49 -7.46
CA THR A 275 -13.53 -2.65 -8.91
C THR A 275 -12.43 -3.57 -9.50
N HIS A 276 -11.61 -4.18 -8.67
CA HIS A 276 -10.73 -5.29 -9.12
C HIS A 276 -11.60 -6.50 -9.43
N ILE A 277 -11.03 -7.50 -10.11
CA ILE A 277 -11.80 -8.67 -10.59
C ILE A 277 -11.00 -9.92 -10.31
N ASN A 278 -11.58 -10.87 -9.58
CA ASN A 278 -10.88 -12.16 -9.37
C ASN A 278 -10.94 -13.00 -10.63
N ILE A 279 -9.87 -13.75 -10.89
CA ILE A 279 -9.85 -14.70 -12.02
C ILE A 279 -9.42 -16.06 -11.49
N GLY A 280 -9.79 -17.10 -12.21
CA GLY A 280 -9.57 -18.47 -11.70
C GLY A 280 -10.49 -19.41 -12.45
N THR A 281 -10.50 -20.67 -12.04
CA THR A 281 -11.36 -21.72 -12.63
C THR A 281 -12.60 -21.93 -11.77
N GLY A 282 -12.66 -21.35 -10.58
CA GLY A 282 -13.85 -21.52 -9.72
C GLY A 282 -13.85 -22.84 -8.95
N ILE A 283 -12.77 -23.62 -9.03
CA ILE A 283 -12.70 -24.92 -8.32
C ILE A 283 -11.34 -25.04 -7.65
N ASP A 284 -11.27 -25.64 -6.47
CA ASP A 284 -9.97 -25.99 -5.85
C ASP A 284 -9.96 -27.48 -5.48
N TYR A 285 -8.81 -27.90 -4.97
CA TYR A 285 -8.44 -29.33 -4.73
C TYR A 285 -7.63 -29.40 -3.44
N SER A 286 -7.97 -30.37 -2.57
CA SER A 286 -7.07 -30.80 -1.47
C SER A 286 -5.78 -31.34 -2.10
N ILE A 287 -4.66 -31.17 -1.40
CA ILE A 287 -3.36 -31.73 -1.88
C ILE A 287 -3.51 -33.24 -2.06
N LYS A 288 -4.34 -33.89 -1.23
CA LYS A 288 -4.66 -35.32 -1.44
C LYS A 288 -5.30 -35.54 -2.81
N GLU A 289 -6.28 -34.71 -3.21
CA GLU A 289 -6.94 -34.86 -4.53
C GLU A 289 -5.94 -34.58 -5.68
N VAL A 290 -5.03 -33.61 -5.50
CA VAL A 290 -4.07 -33.27 -6.58
C VAL A 290 -3.14 -34.48 -6.79
N ALA A 291 -2.67 -35.03 -5.67
CA ALA A 291 -1.71 -36.16 -5.64
C ALA A 291 -2.31 -37.36 -6.36
N LEU A 292 -3.56 -37.70 -6.05
CA LEU A 292 -4.27 -38.84 -6.69
C LEU A 292 -4.45 -38.57 -8.19
N MET A 293 -4.75 -37.34 -8.59
CA MET A 293 -4.84 -36.97 -10.03
C MET A 293 -3.48 -37.16 -10.74
N VAL A 294 -2.40 -36.66 -10.15
CA VAL A 294 -1.03 -36.82 -10.71
C VAL A 294 -0.67 -38.32 -10.77
N LYS A 295 -0.87 -39.02 -9.67
CA LYS A 295 -0.60 -40.49 -9.57
C LYS A 295 -1.26 -41.18 -10.77
N ASN A 296 -2.53 -40.88 -11.01
CA ASN A 296 -3.35 -41.53 -12.06
C ASN A 296 -2.81 -41.17 -13.45
N ILE A 297 -2.42 -39.91 -13.68
CA ILE A 297 -1.91 -39.45 -15.00
C ILE A 297 -0.55 -40.10 -15.28
N VAL A 298 0.31 -40.16 -14.26
CA VAL A 298 1.66 -40.79 -14.40
C VAL A 298 1.48 -42.30 -14.51
N GLY A 299 0.52 -42.86 -13.77
CA GLY A 299 0.18 -44.30 -13.81
C GLY A 299 0.98 -45.10 -12.79
N PHE A 300 1.41 -44.44 -11.70
CA PHE A 300 2.05 -45.09 -10.54
C PHE A 300 1.02 -45.96 -9.81
N SER A 301 1.39 -47.20 -9.49
CA SER A 301 0.47 -48.26 -8.97
C SER A 301 0.52 -48.28 -7.43
N GLY A 302 1.34 -47.42 -6.83
CA GLY A 302 1.58 -47.43 -5.37
C GLY A 302 0.62 -46.52 -4.63
N GLU A 303 0.99 -46.16 -3.41
CA GLU A 303 0.10 -45.52 -2.41
C GLU A 303 0.61 -44.12 -2.10
N LEU A 304 -0.25 -43.27 -1.54
CA LEU A 304 0.16 -42.06 -0.81
C LEU A 304 0.43 -42.43 0.65
N VAL A 305 1.28 -41.65 1.30
CA VAL A 305 1.49 -41.66 2.77
C VAL A 305 1.57 -40.19 3.21
N PHE A 306 0.85 -39.82 4.25
CA PHE A 306 0.78 -38.43 4.75
C PHE A 306 1.62 -38.30 6.01
N ASN A 307 2.11 -37.09 6.30
CA ASN A 307 3.21 -36.82 7.26
C ASN A 307 3.02 -35.44 7.90
N THR A 308 2.21 -35.34 8.96
CA THR A 308 2.16 -34.19 9.90
C THR A 308 1.62 -34.68 11.26
N MET A 315 -3.05 -21.87 4.59
CA MET A 315 -4.12 -20.90 4.21
C MET A 315 -4.78 -21.36 2.89
N ASP A 316 -6.06 -21.70 2.93
CA ASP A 316 -6.83 -22.10 1.72
C ASP A 316 -7.23 -20.83 0.97
N ARG A 317 -7.17 -20.91 -0.34
CA ARG A 317 -7.38 -19.72 -1.18
C ARG A 317 -8.12 -20.21 -2.43
N LEU A 318 -9.38 -19.80 -2.56
CA LEU A 318 -10.16 -20.07 -3.77
C LEU A 318 -10.91 -18.80 -4.16
N MET A 319 -10.67 -18.32 -5.35
CA MET A 319 -11.42 -17.13 -5.82
C MET A 319 -12.86 -17.49 -6.11
N ASP A 320 -13.77 -16.62 -5.68
CA ASP A 320 -15.13 -16.51 -6.23
C ASP A 320 -15.02 -15.79 -7.56
N CYS A 321 -15.37 -16.46 -8.64
CA CYS A 321 -15.25 -15.94 -10.00
C CYS A 321 -16.61 -15.50 -10.56
N SER A 322 -17.59 -15.26 -9.68
CA SER A 322 -18.92 -14.75 -10.11
C SER A 322 -18.78 -13.51 -10.97
N LYS A 323 -17.94 -12.56 -10.57
CA LYS A 323 -17.85 -11.29 -11.29
C LYS A 323 -17.27 -11.51 -12.69
N ILE A 324 -16.15 -12.20 -12.83
CA ILE A 324 -15.57 -12.40 -14.18
C ILE A 324 -16.50 -13.25 -15.05
N HIS A 325 -17.17 -14.23 -14.45
CA HIS A 325 -18.15 -15.04 -15.23
C HIS A 325 -19.26 -14.13 -15.75
N SER A 326 -19.76 -13.21 -14.91
CA SER A 326 -20.87 -12.29 -15.29
C SER A 326 -20.41 -11.42 -16.44
N LEU A 327 -19.10 -11.15 -16.55
CA LEU A 327 -18.55 -10.26 -17.59
C LEU A 327 -18.16 -11.03 -18.85
N GLY A 328 -18.39 -12.34 -18.87
CA GLY A 328 -18.43 -13.13 -20.10
C GLY A 328 -17.17 -13.94 -20.38
N TRP A 329 -16.32 -14.17 -19.38
CA TRP A 329 -15.16 -15.07 -19.54
C TRP A 329 -15.29 -16.27 -18.62
N LYS A 330 -14.86 -17.44 -19.10
CA LYS A 330 -14.62 -18.59 -18.20
C LYS A 330 -13.42 -19.37 -18.73
N HIS A 331 -12.80 -20.13 -17.84
CA HIS A 331 -11.55 -20.85 -18.14
C HIS A 331 -11.81 -21.98 -19.13
N LYS A 332 -10.78 -22.33 -19.88
CA LYS A 332 -10.84 -23.38 -20.94
C LYS A 332 -10.09 -24.63 -20.48
N ILE A 333 -9.14 -24.51 -19.54
CA ILE A 333 -8.17 -25.62 -19.31
C ILE A 333 -8.45 -26.18 -17.92
N GLU A 334 -8.98 -27.40 -17.84
CA GLU A 334 -9.18 -28.08 -16.55
C GLU A 334 -7.83 -28.62 -16.04
N LEU A 335 -7.70 -28.72 -14.72
CA LEU A 335 -6.42 -29.10 -14.07
C LEU A 335 -5.93 -30.44 -14.62
N LYS A 336 -6.80 -31.44 -14.77
CA LYS A 336 -6.36 -32.75 -15.31
C LYS A 336 -5.65 -32.58 -16.66
N ASP A 337 -6.18 -31.74 -17.56
CA ASP A 337 -5.59 -31.57 -18.90
C ASP A 337 -4.29 -30.78 -18.77
N GLY A 338 -4.20 -29.82 -17.86
CA GLY A 338 -2.95 -29.07 -17.67
C GLY A 338 -1.82 -29.99 -17.18
N ILE A 339 -2.14 -30.84 -16.22
CA ILE A 339 -1.16 -31.80 -15.63
C ILE A 339 -0.74 -32.75 -16.75
N LYS A 340 -1.69 -33.28 -17.54
CA LYS A 340 -1.35 -34.17 -18.68
C LYS A 340 -0.39 -33.46 -19.66
N MET A 341 -0.67 -32.22 -20.05
CA MET A 341 0.24 -31.46 -20.94
C MET A 341 1.62 -31.29 -20.28
N MET A 342 1.66 -30.99 -18.98
CA MET A 342 2.92 -30.81 -18.24
C MET A 342 3.73 -32.13 -18.27
N TYR A 343 3.07 -33.25 -18.10
CA TYR A 343 3.75 -34.56 -18.03
C TYR A 343 4.27 -34.93 -19.43
N GLU A 344 3.50 -34.64 -20.47
CA GLU A 344 3.95 -34.91 -21.85
C GLU A 344 5.20 -34.09 -22.11
N TRP A 345 5.24 -32.85 -21.65
CA TRP A 345 6.41 -31.96 -21.81
C TRP A 345 7.59 -32.52 -21.00
N TYR A 346 7.34 -32.93 -19.76
CA TYR A 346 8.38 -33.47 -18.86
C TYR A 346 9.16 -34.56 -19.59
N LYS A 347 8.44 -35.48 -20.23
CA LYS A 347 9.05 -36.68 -20.86
C LYS A 347 9.94 -36.26 -22.04
N THR A 348 9.69 -35.12 -22.69
CA THR A 348 10.48 -34.68 -23.87
C THR A 348 11.76 -33.95 -23.42
N GLN A 349 11.84 -33.53 -22.15
CA GLN A 349 12.97 -32.76 -21.62
C GLN A 349 13.89 -33.64 -20.77
N HIS B 4 22.02 8.32 20.78
CA HIS B 4 21.08 8.80 19.76
C HIS B 4 21.52 10.20 19.32
N MET B 5 20.58 11.10 19.07
CA MET B 5 20.90 12.32 18.29
C MET B 5 21.77 13.20 19.19
N GLN B 6 22.81 13.75 18.61
CA GLN B 6 23.68 14.74 19.27
C GLN B 6 23.33 16.11 18.72
N THR B 7 23.69 17.18 19.41
CA THR B 7 23.33 18.53 18.93
C THR B 7 24.06 18.84 17.63
N ASN B 8 25.13 18.13 17.33
CA ASN B 8 25.83 18.38 16.04
C ASN B 8 25.48 17.31 15.02
N SER B 9 24.59 16.39 15.33
CA SER B 9 24.07 15.44 14.31
C SER B 9 23.42 16.15 13.16
N LYS B 10 23.63 15.65 11.93
CA LYS B 10 22.99 16.24 10.75
C LYS B 10 21.57 15.71 10.66
N ILE B 11 20.59 16.59 10.73
CA ILE B 11 19.15 16.24 10.82
C ILE B 11 18.44 16.81 9.62
N TYR B 12 17.77 15.96 8.83
CA TYR B 12 16.91 16.39 7.72
C TYR B 12 15.45 16.39 8.17
N ILE B 13 14.81 17.54 8.08
CA ILE B 13 13.34 17.68 8.24
C ILE B 13 12.75 17.83 6.85
N ALA B 14 12.08 16.79 6.34
CA ALA B 14 11.40 16.83 5.04
C ALA B 14 10.10 17.57 5.23
N GLY B 15 9.74 18.48 4.34
CA GLY B 15 8.52 19.27 4.48
C GLY B 15 8.60 20.29 5.58
N HIS B 16 9.74 20.98 5.69
CA HIS B 16 10.03 21.80 6.89
C HIS B 16 9.14 23.04 6.97
N LYS B 17 8.49 23.45 5.88
CA LYS B 17 7.63 24.67 5.90
C LYS B 17 6.21 24.34 6.34
N GLY B 18 5.85 23.08 6.51
CA GLY B 18 4.49 22.71 6.97
C GLY B 18 4.35 22.86 8.47
N THR B 19 3.19 22.53 9.00
CA THR B 19 2.90 22.79 10.43
C THR B 19 3.86 21.99 11.33
N ALA B 20 3.95 20.68 11.12
CA ALA B 20 4.83 19.81 11.92
C ALA B 20 6.28 20.19 11.63
N GLY B 21 6.64 20.43 10.38
CA GLY B 21 8.03 20.70 10.04
C GLY B 21 8.50 21.98 10.71
N THR B 22 7.65 23.01 10.70
CA THR B 22 8.05 24.29 11.31
C THR B 22 8.26 24.06 12.81
N ALA B 23 7.34 23.36 13.50
CA ALA B 23 7.46 23.06 14.92
C ALA B 23 8.71 22.24 15.21
N LEU B 24 9.07 21.28 14.36
CA LEU B 24 10.28 20.48 14.60
C LEU B 24 11.52 21.37 14.47
N VAL B 25 11.57 22.18 13.43
CA VAL B 25 12.74 23.09 13.23
C VAL B 25 12.89 23.93 14.50
N GLU B 26 11.81 24.58 14.95
CA GLU B 26 11.92 25.50 16.12
C GLU B 26 12.30 24.75 17.40
N ASN B 27 11.68 23.62 17.68
CA ASN B 27 11.92 22.83 18.91
C ASN B 27 13.34 22.24 18.89
N LEU B 28 13.84 21.76 17.74
CA LEU B 28 15.23 21.26 17.64
C LEU B 28 16.21 22.42 17.93
N GLN B 29 16.02 23.57 17.28
CA GLN B 29 16.94 24.74 17.48
C GLN B 29 16.93 25.09 18.97
N LYS B 30 15.76 25.10 19.61
CA LYS B 30 15.65 25.55 21.02
C LYS B 30 16.44 24.61 21.94
N ARG B 31 16.67 23.37 21.56
CA ARG B 31 17.39 22.34 22.32
C ARG B 31 18.86 22.25 21.88
N GLY B 32 19.28 23.10 20.94
CA GLY B 32 20.66 23.22 20.43
C GLY B 32 20.97 22.32 19.24
N PHE B 33 19.96 21.66 18.67
CA PHE B 33 20.15 20.79 17.48
C PHE B 33 20.14 21.70 16.26
N ASN B 34 21.29 22.27 15.93
CA ASN B 34 21.33 23.38 14.95
C ASN B 34 21.88 22.93 13.59
N ASN B 35 22.29 21.67 13.42
CA ASN B 35 22.91 21.15 12.17
C ASN B 35 21.79 20.54 11.31
N LEU B 36 20.89 21.38 10.87
CA LEU B 36 19.69 20.96 10.13
C LEU B 36 19.93 21.11 8.65
N VAL B 37 19.31 20.25 7.87
CA VAL B 37 19.32 20.42 6.40
C VAL B 37 17.87 20.47 5.98
N LEU B 38 17.53 21.53 5.26
CA LEU B 38 16.17 21.97 4.93
C LEU B 38 16.13 22.24 3.43
N LYS B 39 15.21 21.62 2.71
CA LYS B 39 15.03 21.84 1.25
C LYS B 39 13.58 22.24 0.99
N THR B 40 13.37 23.36 0.27
CA THR B 40 12.02 23.70 -0.21
C THR B 40 11.63 22.71 -1.33
N ARG B 41 10.36 22.67 -1.66
CA ARG B 41 9.83 21.88 -2.80
C ARG B 41 10.57 22.31 -4.08
N GLN B 42 10.82 23.60 -4.24
CA GLN B 42 11.53 24.14 -5.44
C GLN B 42 12.95 23.56 -5.49
N GLU B 43 13.62 23.42 -4.36
CA GLU B 43 14.99 22.88 -4.27
C GLU B 43 14.98 21.36 -4.48
N LEU B 44 13.95 20.68 -3.95
CA LEU B 44 13.94 19.19 -3.95
C LEU B 44 12.48 18.73 -4.03
N ASP B 45 12.09 18.22 -5.20
CA ASP B 45 10.76 17.62 -5.41
C ASP B 45 10.80 16.18 -4.89
N LEU B 46 10.15 15.90 -3.75
CA LEU B 46 10.31 14.59 -3.06
C LEU B 46 9.58 13.45 -3.82
N VAL B 47 8.78 13.77 -4.82
CA VAL B 47 8.16 12.76 -5.71
C VAL B 47 9.22 12.22 -6.68
N ASN B 48 10.27 12.99 -6.95
CA ASN B 48 11.25 12.64 -8.00
C ASN B 48 12.37 11.80 -7.39
N GLN B 49 12.38 10.52 -7.71
CA GLN B 49 13.35 9.56 -7.20
C GLN B 49 14.78 10.00 -7.47
N GLN B 50 15.06 10.46 -8.69
CA GLN B 50 16.43 10.89 -9.05
C GLN B 50 16.89 12.02 -8.12
N ALA B 51 16.05 13.02 -7.93
CA ALA B 51 16.45 14.19 -7.11
C ALA B 51 16.65 13.74 -5.65
N VAL B 52 15.78 12.88 -5.14
CA VAL B 52 15.87 12.44 -3.73
C VAL B 52 17.13 11.58 -3.53
N ALA B 53 17.44 10.68 -4.46
CA ALA B 53 18.63 9.86 -4.37
C ALA B 53 19.87 10.77 -4.35
N LYS B 54 19.90 11.78 -5.23
CA LYS B 54 21.06 12.71 -5.30
C LYS B 54 21.20 13.47 -3.98
N PHE B 55 20.09 13.94 -3.42
CA PHE B 55 20.10 14.69 -2.14
C PHE B 55 20.73 13.83 -1.03
N PHE B 56 20.28 12.59 -0.87
CA PHE B 56 20.80 11.73 0.20
C PHE B 56 22.28 11.43 0.01
N LYS B 57 22.70 11.22 -1.24
CA LYS B 57 24.13 10.90 -1.53
C LYS B 57 24.98 12.15 -1.25
N GLU B 58 24.46 13.36 -1.52
CA GLU B 58 25.24 14.62 -1.31
C GLU B 58 25.28 15.00 0.18
N GLU B 59 24.14 14.93 0.85
CA GLU B 59 23.99 15.56 2.20
C GLU B 59 24.20 14.52 3.31
N LYS B 60 23.95 13.24 3.06
CA LYS B 60 24.18 12.15 4.06
C LYS B 60 23.62 12.55 5.42
N PRO B 61 22.31 12.92 5.53
CA PRO B 61 21.73 13.17 6.85
C PRO B 61 21.81 11.93 7.75
N GLU B 62 21.94 12.16 9.06
CA GLU B 62 22.04 11.08 10.05
C GLU B 62 20.67 10.73 10.63
N TYR B 63 19.75 11.68 10.64
CA TYR B 63 18.39 11.55 11.23
C TYR B 63 17.44 12.23 10.27
N VAL B 64 16.27 11.62 10.07
CA VAL B 64 15.24 12.14 9.16
C VAL B 64 13.89 12.23 9.88
N PHE B 65 13.25 13.39 9.81
CA PHE B 65 11.82 13.58 10.15
C PHE B 65 11.06 13.76 8.87
N LEU B 66 10.21 12.79 8.53
CA LEU B 66 9.50 12.82 7.24
C LEU B 66 8.13 13.45 7.46
N THR B 67 7.98 14.74 7.23
CA THR B 67 6.67 15.41 7.45
C THR B 67 5.98 15.76 6.15
N ALA B 68 6.66 15.68 5.01
CA ALA B 68 6.10 16.13 3.73
C ALA B 68 4.92 15.25 3.31
N VAL B 69 3.87 15.86 2.83
CA VAL B 69 2.62 15.15 2.48
C VAL B 69 1.83 15.99 1.47
N LEU B 70 1.05 15.32 0.63
CA LEU B 70 -0.12 15.89 -0.03
C LEU B 70 -1.33 15.56 0.83
N PRO B 71 -1.85 16.52 1.61
CA PRO B 71 -2.90 16.21 2.56
C PRO B 71 -4.26 16.03 1.90
N CYS B 72 -5.12 15.22 2.52
CA CYS B 72 -6.49 14.92 2.06
C CYS B 72 -7.46 15.75 2.91
N GLY B 73 -8.19 16.66 2.28
CA GLY B 73 -9.20 17.48 2.96
C GLY B 73 -10.50 17.55 2.17
N ALA B 74 -11.54 18.15 2.74
CA ALA B 74 -12.87 18.26 2.10
C ALA B 74 -12.71 18.87 0.70
N ALA B 75 -11.91 19.93 0.57
CA ALA B 75 -11.85 20.79 -0.63
C ALA B 75 -11.23 20.01 -1.79
N ASN B 76 -10.17 19.23 -1.52
CA ASN B 76 -9.34 18.62 -2.59
C ASN B 76 -9.63 17.13 -2.72
N VAL B 77 -10.76 16.65 -2.18
CA VAL B 77 -11.09 15.20 -2.08
C VAL B 77 -11.13 14.58 -3.48
N ALA B 78 -11.31 15.36 -4.55
CA ALA B 78 -11.31 14.81 -5.94
C ALA B 78 -9.94 14.23 -6.33
N GLN B 79 -8.85 14.64 -5.67
CA GLN B 79 -7.46 14.26 -6.04
C GLN B 79 -7.15 12.83 -5.57
N ARG B 80 -8.04 11.89 -5.86
CA ARG B 80 -7.96 10.52 -5.29
C ARG B 80 -6.69 9.81 -5.77
N ALA B 81 -6.31 9.94 -7.02
CA ALA B 81 -5.06 9.31 -7.54
C ALA B 81 -3.85 10.01 -6.94
N ASP B 82 -3.84 11.35 -6.90
CA ASP B 82 -2.68 12.10 -6.40
C ASP B 82 -2.40 11.69 -4.96
N PHE B 83 -3.42 11.49 -4.16
CA PHE B 83 -3.21 11.18 -2.73
C PHE B 83 -2.38 9.91 -2.58
N ILE B 84 -2.65 8.92 -3.42
CA ILE B 84 -1.94 7.64 -3.27
C ILE B 84 -0.61 7.72 -4.03
N TYR B 85 -0.58 8.21 -5.28
CA TYR B 85 0.70 8.26 -6.00
C TYR B 85 1.73 9.16 -5.29
N GLU B 86 1.39 10.40 -5.05
CA GLU B 86 2.37 11.39 -4.57
C GLU B 86 2.92 10.94 -3.22
N ASN B 87 2.00 10.51 -2.33
CA ASN B 87 2.44 10.15 -0.96
C ASN B 87 3.23 8.85 -1.00
N LEU B 88 2.82 7.88 -1.81
CA LEU B 88 3.69 6.68 -1.95
C LEU B 88 5.07 7.07 -2.47
N MET B 89 5.16 7.95 -3.45
CA MET B 89 6.48 8.33 -4.00
C MET B 89 7.33 9.04 -2.92
N ILE B 90 6.75 9.98 -2.20
CA ILE B 90 7.48 10.70 -1.14
C ILE B 90 8.01 9.67 -0.14
N GLN B 91 7.11 8.86 0.36
CA GLN B 91 7.42 7.83 1.38
C GLN B 91 8.52 6.92 0.85
N ASN B 92 8.34 6.37 -0.34
CA ASN B 92 9.26 5.34 -0.87
C ASN B 92 10.61 6.00 -1.12
N ASN B 93 10.61 7.17 -1.73
CA ASN B 93 11.90 7.83 -2.07
C ASN B 93 12.67 8.16 -0.79
N VAL B 94 12.02 8.71 0.23
CA VAL B 94 12.77 9.14 1.44
C VAL B 94 13.15 7.90 2.26
N ILE B 95 12.26 6.93 2.41
CA ILE B 95 12.57 5.77 3.28
C ILE B 95 13.67 4.94 2.62
N HIS B 96 13.54 4.62 1.33
CA HIS B 96 14.54 3.76 0.68
C HIS B 96 15.90 4.47 0.62
N ASN B 97 15.92 5.75 0.25
CA ASN B 97 17.21 6.48 0.13
C ASN B 97 17.81 6.75 1.51
N SER B 98 17.01 6.74 2.57
CA SER B 98 17.54 6.80 3.96
C SER B 98 18.29 5.50 4.23
N PHE B 99 17.67 4.36 3.94
CA PHE B 99 18.31 3.04 4.09
C PHE B 99 19.60 3.01 3.26
N LEU B 100 19.56 3.44 2.00
CA LEU B 100 20.73 3.26 1.10
C LEU B 100 21.91 4.08 1.63
N ASN B 101 21.63 5.16 2.33
CA ASN B 101 22.67 6.16 2.75
C ASN B 101 22.87 6.10 4.27
N ASN B 102 22.46 5.02 4.92
CA ASN B 102 22.87 4.68 6.30
C ASN B 102 22.38 5.72 7.29
N VAL B 103 21.21 6.30 7.04
CA VAL B 103 20.51 7.13 8.05
C VAL B 103 20.40 6.29 9.34
N LYS B 104 20.69 6.92 10.47
CA LYS B 104 20.61 6.21 11.76
C LYS B 104 19.17 5.95 12.18
N LYS B 105 18.32 6.97 12.12
CA LYS B 105 16.92 6.81 12.54
C LYS B 105 16.03 7.75 11.75
N LEU B 106 14.80 7.33 11.52
CA LEU B 106 13.79 8.10 10.77
C LEU B 106 12.49 8.03 11.54
N VAL B 107 11.77 9.15 11.57
CA VAL B 107 10.39 9.20 12.10
C VAL B 107 9.47 9.63 10.97
N PHE B 108 8.44 8.85 10.72
CA PHE B 108 7.40 9.08 9.71
C PHE B 108 6.10 9.36 10.46
N PHE B 109 5.21 10.15 9.90
CA PHE B 109 3.90 10.47 10.53
C PHE B 109 2.77 9.83 9.73
N GLY B 110 1.96 9.02 10.40
CA GLY B 110 0.73 8.48 9.84
C GLY B 110 -0.49 9.29 10.25
N SER B 111 -1.63 8.93 9.70
CA SER B 111 -2.93 9.58 9.92
C SER B 111 -3.89 8.52 10.43
N GLY B 112 -4.83 8.93 11.27
CA GLY B 112 -5.95 8.07 11.69
C GLY B 112 -6.76 7.57 10.51
N TYR B 113 -6.66 8.19 9.33
CA TYR B 113 -7.37 7.67 8.14
C TYR B 113 -6.79 6.31 7.74
N MET B 114 -5.74 5.86 8.44
CA MET B 114 -5.12 4.54 8.17
C MET B 114 -5.89 3.45 8.94
N TYR B 115 -6.87 3.85 9.74
CA TYR B 115 -7.69 2.93 10.55
C TYR B 115 -9.07 2.75 9.94
N PRO B 116 -9.71 1.59 10.17
CA PRO B 116 -11.04 1.33 9.66
C PRO B 116 -12.04 2.41 10.12
N GLU B 117 -12.94 2.82 9.22
CA GLU B 117 -13.96 3.86 9.52
C GLU B 117 -14.73 3.45 10.78
N ASN B 118 -15.07 2.18 10.88
CA ASN B 118 -16.01 1.73 11.95
C ASN B 118 -15.24 1.05 13.08
N ALA B 119 -13.93 1.24 13.18
CA ALA B 119 -13.17 0.65 14.31
C ALA B 119 -13.58 1.35 15.62
N LYS B 120 -13.50 0.61 16.71
CA LYS B 120 -13.89 1.12 18.05
C LYS B 120 -12.94 2.23 18.49
N ASN B 121 -13.48 3.27 19.07
CA ASN B 121 -12.68 4.25 19.84
C ASN B 121 -12.56 3.78 21.27
N PRO B 122 -11.42 4.03 21.93
CA PRO B 122 -10.25 4.66 21.31
C PRO B 122 -9.51 3.65 20.43
N LEU B 123 -8.90 4.16 19.35
CA LEU B 123 -8.27 3.30 18.33
C LEU B 123 -6.94 2.76 18.82
N LYS B 124 -6.80 1.44 18.87
CA LYS B 124 -5.54 0.76 19.17
C LYS B 124 -4.75 0.58 17.88
N GLU B 125 -3.45 0.45 18.03
CA GLU B 125 -2.55 0.25 16.86
C GLU B 125 -3.00 -1.02 16.12
N GLU B 126 -3.44 -2.04 16.85
CA GLU B 126 -3.79 -3.36 16.32
C GLU B 126 -5.05 -3.30 15.49
N TYR B 127 -5.78 -2.18 15.40
CA TYR B 127 -7.02 -2.08 14.60
C TYR B 127 -6.68 -1.87 13.11
N LEU B 128 -5.41 -1.65 12.76
CA LEU B 128 -4.99 -1.67 11.34
C LEU B 128 -5.57 -2.91 10.65
N PHE B 129 -6.14 -2.74 9.45
CA PHE B 129 -6.70 -3.79 8.57
C PHE B 129 -7.95 -4.47 9.14
N GLN B 130 -8.55 -3.94 10.20
CA GLN B 130 -9.80 -4.56 10.74
C GLN B 130 -11.04 -3.87 10.16
N GLY B 131 -11.10 -3.73 8.83
CA GLY B 131 -12.30 -3.26 8.14
C GLY B 131 -12.01 -2.15 7.15
N ASP B 132 -13.04 -1.75 6.41
CA ASP B 132 -12.71 -0.81 5.32
CA ASP B 132 -13.09 -0.70 5.36
C ASP B 132 -12.53 0.62 5.87
N LEU B 133 -11.78 1.35 5.06
CA LEU B 133 -11.43 2.73 5.33
C LEU B 133 -12.60 3.63 4.93
N GLU B 134 -12.61 4.83 5.46
CA GLU B 134 -13.56 5.91 5.08
C GLU B 134 -13.38 6.21 3.59
N TYR B 135 -14.48 6.35 2.85
CA TYR B 135 -14.45 6.44 1.39
C TYR B 135 -13.61 7.64 0.89
N GLY B 136 -13.84 8.83 1.41
CA GLY B 136 -13.15 10.03 0.91
C GLY B 136 -11.65 9.93 1.07
N ALA B 137 -11.19 9.32 2.15
CA ALA B 137 -9.75 9.26 2.48
C ALA B 137 -9.21 7.87 2.16
N TYR B 138 -9.91 7.10 1.33
CA TYR B 138 -9.55 5.68 1.09
C TYR B 138 -8.13 5.58 0.52
N SER B 139 -7.85 6.32 -0.52
CA SER B 139 -6.55 6.24 -1.21
C SER B 139 -5.44 6.86 -0.37
N PHE B 140 -5.73 7.93 0.35
CA PHE B 140 -4.76 8.58 1.26
C PHE B 140 -4.44 7.62 2.42
N GLY B 141 -5.46 7.03 3.02
CA GLY B 141 -5.26 6.08 4.13
C GLY B 141 -4.44 4.89 3.65
N ALA B 142 -4.72 4.38 2.46
CA ALA B 142 -3.95 3.25 1.90
C ALA B 142 -2.48 3.66 1.77
N ALA B 143 -2.20 4.88 1.27
CA ALA B 143 -0.80 5.34 1.17
C ALA B 143 -0.17 5.39 2.56
N LYS B 144 -0.90 5.83 3.56
CA LYS B 144 -0.33 5.93 4.94
C LYS B 144 -0.09 4.52 5.52
N ILE B 145 -0.96 3.57 5.24
CA ILE B 145 -0.72 2.17 5.64
C ILE B 145 0.60 1.69 5.02
N ALA B 146 0.78 1.93 3.72
CA ALA B 146 1.97 1.43 3.02
C ALA B 146 3.22 2.10 3.62
N GLY B 147 3.13 3.35 4.04
CA GLY B 147 4.23 4.05 4.72
C GLY B 147 4.62 3.36 6.01
N ALA B 148 3.63 3.02 6.81
CA ALA B 148 3.88 2.32 8.09
C ALA B 148 4.51 0.96 7.84
N ILE B 149 3.96 0.23 6.88
CA ILE B 149 4.45 -1.14 6.58
C ILE B 149 5.86 -1.06 5.99
N MET B 150 6.12 0.02 5.23
CA MET B 150 7.46 0.24 4.62
C MET B 150 8.50 0.42 5.73
N CYS B 151 8.16 1.20 6.77
CA CYS B 151 9.10 1.43 7.89
C CYS B 151 9.35 0.09 8.59
N GLU B 152 8.29 -0.62 8.96
CA GLU B 152 8.42 -1.84 9.75
C GLU B 152 9.18 -2.87 8.93
N SER B 153 8.88 -2.97 7.63
CA SER B 153 9.50 -4.04 6.79
C SER B 153 11.01 -3.80 6.65
N TYR B 154 11.45 -2.55 6.51
CA TYR B 154 12.89 -2.19 6.51
C TYR B 154 13.50 -2.56 7.85
N ASN B 155 12.78 -2.31 8.94
CA ASN B 155 13.32 -2.60 10.28
C ASN B 155 13.57 -4.12 10.40
N ILE B 156 12.63 -4.91 9.89
CA ILE B 156 12.73 -6.38 10.01
C ILE B 156 13.80 -6.92 9.07
N GLN B 157 13.75 -6.55 7.79
CA GLN B 157 14.66 -7.18 6.81
C GLN B 157 16.08 -6.64 7.01
N TYR B 158 16.25 -5.34 7.21
CA TYR B 158 17.56 -4.67 7.11
C TYR B 158 18.04 -4.17 8.48
N GLY B 159 17.27 -4.30 9.56
CA GLY B 159 17.74 -3.83 10.87
C GLY B 159 17.78 -2.33 10.97
N THR B 160 16.99 -1.62 10.17
CA THR B 160 16.86 -0.15 10.28
C THR B 160 16.07 0.21 11.55
N ASN B 161 15.95 1.51 11.76
CA ASN B 161 15.27 2.08 12.95
CA ASN B 161 15.28 2.09 12.95
CA ASN B 161 15.20 2.04 12.94
C ASN B 161 14.32 3.20 12.48
N PHE B 162 13.26 2.84 11.78
CA PHE B 162 12.31 3.74 11.12
C PHE B 162 10.97 3.61 11.84
N ILE B 163 10.54 4.66 12.52
CA ILE B 163 9.39 4.57 13.45
C ILE B 163 8.25 5.42 12.91
N THR B 164 7.03 4.88 12.91
CA THR B 164 5.81 5.60 12.47
C THR B 164 5.03 6.04 13.71
N LEU B 165 4.70 7.31 13.76
CA LEU B 165 3.84 7.92 14.78
C LEU B 165 2.56 8.38 14.10
N VAL B 166 1.39 8.03 14.66
CA VAL B 166 0.09 8.22 13.99
C VAL B 166 -0.77 9.18 14.81
N LEU B 167 -1.33 10.20 14.16
CA LEU B 167 -2.18 11.21 14.84
C LEU B 167 -3.44 11.45 14.03
N ASN B 168 -4.39 12.16 14.64
CA ASN B 168 -5.69 12.48 14.02
C ASN B 168 -5.80 13.93 13.53
N ASN B 169 -5.52 14.93 14.37
CA ASN B 169 -5.70 16.34 13.98
C ASN B 169 -4.59 17.16 14.60
N LEU B 170 -3.81 17.86 13.78
CA LEU B 170 -2.71 18.72 14.21
C LEU B 170 -3.21 20.14 14.26
N TYR B 171 -2.71 20.88 15.23
CA TYR B 171 -2.81 22.35 15.25
C TYR B 171 -1.51 22.83 15.85
N GLY B 172 -1.28 24.13 15.94
CA GLY B 172 -0.06 24.53 16.64
C GLY B 172 0.03 26.02 16.70
N THR B 173 1.14 26.54 17.21
CA THR B 173 1.31 27.99 17.39
C THR B 173 1.35 28.61 16.00
N LYS B 174 2.30 28.17 15.16
CA LYS B 174 2.45 28.65 13.76
C LYS B 174 1.71 27.71 12.81
N ALA B 175 0.38 27.75 12.83
CA ALA B 175 -0.52 26.83 12.09
C ALA B 175 -0.83 27.39 10.70
N ASN B 176 -1.56 26.62 9.90
CA ASN B 176 -2.04 27.01 8.55
C ASN B 176 -3.51 27.40 8.73
N PHE B 177 -3.80 28.70 8.62
CA PHE B 177 -5.12 29.29 8.93
C PHE B 177 -5.93 29.50 7.64
N ASP B 178 -5.52 28.90 6.52
CA ASP B 178 -6.26 28.97 5.24
C ASP B 178 -7.63 28.30 5.40
N PHE B 179 -8.68 28.94 4.86
CA PHE B 179 -10.09 28.46 4.90
C PHE B 179 -10.27 27.29 3.94
N GLY B 180 -11.15 26.35 4.31
CA GLY B 180 -11.55 25.19 3.48
C GLY B 180 -10.41 24.20 3.27
N LYS B 181 -9.45 24.12 4.19
CA LYS B 181 -8.33 23.14 4.13
C LYS B 181 -8.61 21.98 5.09
N SER B 182 -9.78 21.94 5.72
CA SER B 182 -10.13 20.90 6.73
C SER B 182 -9.07 20.93 7.84
N ARG B 183 -8.44 22.08 8.08
CA ARG B 183 -7.58 22.27 9.27
C ARG B 183 -8.48 22.81 10.38
N VAL B 184 -9.12 21.89 11.10
CA VAL B 184 -10.38 22.18 11.84
C VAL B 184 -10.09 23.27 12.87
N LEU B 185 -9.07 23.10 13.72
CA LEU B 185 -8.89 24.02 14.88
C LEU B 185 -8.36 25.35 14.38
N PRO B 186 -7.31 25.43 13.52
CA PRO B 186 -6.86 26.72 13.02
C PRO B 186 -7.97 27.52 12.33
N ALA B 187 -8.82 26.85 11.56
CA ALA B 187 -9.94 27.50 10.80
C ALA B 187 -11.01 27.98 11.78
N LEU B 188 -11.33 27.17 12.79
CA LEU B 188 -12.30 27.55 13.84
C LEU B 188 -11.80 28.82 14.52
N LEU B 189 -10.53 28.87 14.93
CA LEU B 189 -9.95 30.07 15.58
C LEU B 189 -10.16 31.26 14.64
N ARG B 190 -9.90 31.07 13.34
CA ARG B 190 -9.99 32.19 12.36
C ARG B 190 -11.45 32.61 12.19
N LYS B 191 -12.39 31.65 12.19
CA LYS B 191 -13.84 31.95 12.02
C LYS B 191 -14.30 32.86 13.16
N PHE B 192 -13.95 32.56 14.41
CA PHE B 192 -14.37 33.38 15.56
C PHE B 192 -13.66 34.74 15.55
N HIS B 193 -12.40 34.80 15.11
CA HIS B 193 -11.63 36.07 15.04
C HIS B 193 -12.34 37.02 14.07
N LEU B 194 -12.69 36.56 12.88
CA LEU B 194 -13.37 37.39 11.85
C LEU B 194 -14.78 37.76 12.33
N ALA B 195 -15.48 36.87 13.03
CA ALA B 195 -16.78 37.15 13.66
C ALA B 195 -16.63 38.34 14.61
N LYS B 196 -15.55 38.35 15.40
CA LYS B 196 -15.24 39.44 16.36
C LYS B 196 -14.95 40.72 15.58
N LEU B 197 -14.08 40.65 14.56
CA LEU B 197 -13.77 41.83 13.72
C LEU B 197 -15.09 42.42 13.19
N LEU B 198 -16.01 41.57 12.71
CA LEU B 198 -17.32 42.05 12.18
C LEU B 198 -18.11 42.72 13.31
N SER B 199 -18.10 42.14 14.50
CA SER B 199 -18.82 42.65 15.70
CA SER B 199 -18.82 42.65 15.70
C SER B 199 -18.26 44.02 16.12
N GLU B 200 -16.95 44.23 15.99
CA GLU B 200 -16.27 45.51 16.34
C GLU B 200 -16.32 46.47 15.12
N GLY B 201 -16.96 46.06 14.02
CA GLY B 201 -17.16 46.90 12.81
C GLY B 201 -15.85 47.19 12.09
N ASN B 202 -14.82 46.40 12.32
CA ASN B 202 -13.46 46.66 11.79
C ASN B 202 -13.37 46.17 10.33
N ILE B 203 -13.96 46.93 9.39
CA ILE B 203 -13.95 46.65 7.93
C ILE B 203 -12.50 46.52 7.44
N THR B 204 -11.65 47.48 7.80
CA THR B 204 -10.24 47.62 7.33
C THR B 204 -9.49 46.31 7.63
N GLN B 205 -9.56 45.81 8.87
CA GLN B 205 -8.81 44.60 9.31
C GLN B 205 -9.45 43.35 8.70
N ILE B 206 -10.78 43.34 8.52
CA ILE B 206 -11.49 42.26 7.77
C ILE B 206 -10.86 42.15 6.37
N LEU B 207 -10.76 43.27 5.65
CA LEU B 207 -10.25 43.31 4.26
C LEU B 207 -8.76 42.91 4.23
N GLN B 208 -7.99 43.29 5.25
CA GLN B 208 -6.53 43.01 5.36
C GLN B 208 -6.30 41.53 5.74
N ASP B 209 -7.13 40.99 6.63
CA ASP B 209 -7.11 39.55 7.02
C ASP B 209 -7.45 38.68 5.80
N LEU B 210 -8.50 39.04 5.07
CA LEU B 210 -9.01 38.27 3.90
C LEU B 210 -8.19 38.61 2.65
N LYS B 211 -7.37 39.66 2.72
CA LYS B 211 -6.62 40.23 1.56
C LYS B 211 -7.61 40.53 0.43
N MET B 212 -8.70 41.24 0.74
CA MET B 212 -9.78 41.62 -0.21
C MET B 212 -9.92 43.15 -0.26
N ASN B 213 -10.87 43.63 -1.08
CA ASN B 213 -10.96 45.04 -1.57
C ASN B 213 -12.38 45.60 -1.35
N ASN B 214 -13.41 44.77 -1.56
CA ASN B 214 -14.85 45.15 -1.44
C ASN B 214 -15.45 44.46 -0.22
N PHE B 215 -16.15 45.21 0.65
CA PHE B 215 -16.68 44.75 1.96
C PHE B 215 -17.96 43.94 1.76
N GLU B 216 -18.76 44.30 0.75
CA GLU B 216 -19.98 43.54 0.36
C GLU B 216 -19.60 42.10 -0.01
N GLU B 217 -18.45 41.93 -0.66
CA GLU B 217 -17.96 40.62 -1.17
C GLU B 217 -17.22 39.88 -0.06
N ALA B 218 -16.41 40.56 0.75
CA ALA B 218 -15.86 40.03 2.02
C ALA B 218 -16.99 39.42 2.86
N LYS B 219 -18.13 40.12 2.95
CA LYS B 219 -19.28 39.71 3.80
C LYS B 219 -19.89 38.40 3.27
N GLU B 220 -20.15 38.33 1.97
CA GLU B 220 -20.82 37.15 1.37
C GLU B 220 -19.85 35.97 1.39
N TYR B 221 -18.55 36.22 1.26
CA TYR B 221 -17.49 35.20 1.48
C TYR B 221 -17.63 34.65 2.90
N LEU B 222 -17.67 35.54 3.89
CA LEU B 222 -17.68 35.21 5.34
C LEU B 222 -19.00 34.51 5.70
N HIS B 223 -20.13 35.05 5.24
CA HIS B 223 -21.50 34.57 5.58
C HIS B 223 -21.69 33.13 5.10
N ASN B 224 -20.95 32.73 4.06
CA ASN B 224 -21.02 31.39 3.44
C ASN B 224 -20.10 30.40 4.18
N PHE B 225 -19.13 30.90 4.96
CA PHE B 225 -18.37 30.10 5.96
C PHE B 225 -19.07 30.19 7.33
N GLY B 226 -20.29 30.73 7.36
CA GLY B 226 -21.16 30.83 8.56
C GLY B 226 -20.66 31.89 9.53
N ILE B 227 -19.86 32.84 9.04
CA ILE B 227 -19.26 33.96 9.83
C ILE B 227 -20.14 35.20 9.63
N SER B 228 -20.63 35.79 10.73
CA SER B 228 -21.43 37.04 10.75
C SER B 228 -21.13 37.83 12.03
N LYS B 229 -21.61 39.08 12.12
CA LYS B 229 -21.32 39.98 13.26
C LYS B 229 -22.09 39.49 14.49
N LYS B 230 -23.22 38.80 14.29
CA LYS B 230 -24.11 38.35 15.38
C LYS B 230 -23.80 36.91 15.80
N SER B 231 -23.22 36.06 14.94
CA SER B 231 -23.06 34.61 15.22
C SER B 231 -21.94 33.96 14.39
N VAL B 232 -21.40 32.86 14.92
CA VAL B 232 -20.69 31.80 14.15
C VAL B 232 -21.63 30.61 14.08
N GLU B 233 -22.04 30.26 12.85
CA GLU B 233 -22.95 29.14 12.53
C GLU B 233 -22.09 27.96 12.04
N ILE B 234 -22.22 26.80 12.69
CA ILE B 234 -21.48 25.57 12.29
C ILE B 234 -22.50 24.53 11.83
N TRP B 235 -22.26 23.91 10.68
CA TRP B 235 -23.06 22.77 10.18
C TRP B 235 -22.83 21.58 11.11
N GLY B 236 -23.91 20.91 11.49
CA GLY B 236 -23.89 19.68 12.30
C GLY B 236 -24.73 19.83 13.54
N THR B 237 -24.65 18.83 14.41
CA THR B 237 -25.47 18.67 15.63
C THR B 237 -24.74 19.33 16.82
N GLY B 238 -23.42 19.52 16.73
CA GLY B 238 -22.56 19.97 17.85
C GLY B 238 -21.90 18.81 18.58
N LYS B 239 -22.28 17.58 18.25
CA LYS B 239 -21.90 16.39 19.05
C LYS B 239 -20.68 15.69 18.43
N VAL B 240 -20.34 15.96 17.17
CA VAL B 240 -19.15 15.38 16.48
C VAL B 240 -17.92 15.57 17.37
N ARG B 241 -17.18 14.50 17.68
CA ARG B 241 -16.00 14.60 18.57
C ARG B 241 -14.72 14.54 17.74
N ARG B 242 -13.71 15.27 18.18
CA ARG B 242 -12.37 15.27 17.55
C ARG B 242 -11.32 15.35 18.64
N GLU B 243 -10.15 14.74 18.39
CA GLU B 243 -8.93 14.76 19.20
C GLU B 243 -8.00 15.75 18.49
N PHE B 244 -7.17 16.47 19.24
CA PHE B 244 -6.19 17.41 18.65
C PHE B 244 -4.86 17.19 19.34
N ILE B 245 -3.78 17.45 18.60
CA ILE B 245 -2.43 17.48 19.18
C ILE B 245 -1.77 18.77 18.70
N HIS B 246 -1.19 19.50 19.64
CA HIS B 246 -0.44 20.73 19.34
C HIS B 246 0.89 20.33 18.73
N SER B 247 1.36 21.10 17.77
CA SER B 247 2.62 20.77 17.05
C SER B 247 3.83 20.81 17.99
N ASP B 248 3.82 21.52 19.12
CA ASP B 248 4.94 21.43 20.09
C ASP B 248 4.94 20.05 20.76
N ASP B 249 3.76 19.49 21.05
CA ASP B 249 3.63 18.13 21.59
C ASP B 249 4.05 17.12 20.51
N LEU B 250 3.68 17.34 19.24
CA LEU B 250 4.14 16.47 18.14
C LEU B 250 5.67 16.53 18.07
N ALA B 251 6.26 17.73 18.11
CA ALA B 251 7.72 17.85 18.04
C ALA B 251 8.34 17.14 19.24
N ASP B 252 7.79 17.34 20.43
CA ASP B 252 8.33 16.70 21.67
CA ASP B 252 8.33 16.71 21.65
C ASP B 252 8.34 15.19 21.53
N VAL B 253 7.23 14.58 21.09
CA VAL B 253 7.17 13.10 21.05
C VAL B 253 8.06 12.61 19.89
N ALA B 254 8.13 13.36 18.79
CA ALA B 254 9.03 12.98 17.68
C ALA B 254 10.47 12.98 18.14
N ILE B 255 10.87 14.00 18.90
CA ILE B 255 12.27 14.05 19.42
C ILE B 255 12.45 12.99 20.50
N TYR B 256 11.46 12.78 21.35
CA TYR B 256 11.55 11.71 22.36
C TYR B 256 11.74 10.34 21.70
N THR B 257 11.00 10.10 20.63
CA THR B 257 11.12 8.85 19.86
C THR B 257 12.54 8.72 19.36
N MET B 258 13.09 9.75 18.70
CA MET B 258 14.48 9.64 18.22
C MET B 258 15.40 9.28 19.37
N GLN B 259 15.20 9.89 20.53
CA GLN B 259 16.20 9.76 21.61
C GLN B 259 15.99 8.49 22.42
N ASN B 260 14.82 7.84 22.35
CA ASN B 260 14.46 6.83 23.38
C ASN B 260 13.82 5.57 22.79
N ILE B 261 13.17 5.63 21.64
CA ILE B 261 12.31 4.50 21.17
C ILE B 261 12.96 3.91 19.93
N ASP B 262 13.47 2.70 20.06
CA ASP B 262 14.09 1.95 18.97
C ASP B 262 13.17 0.80 18.57
N PHE B 263 13.37 0.23 17.39
CA PHE B 263 12.51 -0.87 16.93
C PHE B 263 12.54 -2.02 17.95
N LYS B 264 13.71 -2.31 18.54
CA LYS B 264 13.82 -3.40 19.54
C LYS B 264 12.83 -3.15 20.71
N ASP B 265 12.52 -1.90 21.04
CA ASP B 265 11.57 -1.57 22.15
C ASP B 265 10.13 -1.91 21.74
N LEU B 266 9.84 -1.93 20.45
CA LEU B 266 8.47 -2.11 19.94
C LEU B 266 8.13 -3.57 19.69
N ILE B 267 9.11 -4.47 19.70
CA ILE B 267 8.82 -5.91 19.52
C ILE B 267 9.19 -6.66 20.80
N LYS B 268 9.60 -5.95 21.85
CA LYS B 268 9.81 -6.54 23.22
C LYS B 268 8.45 -6.94 23.79
N ASP B 269 8.20 -8.26 23.91
CA ASP B 269 6.94 -8.84 24.43
C ASP B 269 5.73 -8.30 23.65
N ARG B 270 5.94 -7.94 22.38
CA ARG B 270 4.88 -7.52 21.43
C ARG B 270 5.16 -8.24 20.10
N LYS B 271 4.13 -8.51 19.30
CA LYS B 271 4.28 -9.12 17.95
C LYS B 271 5.10 -8.16 17.05
N SER B 272 5.82 -8.71 16.06
CA SER B 272 6.56 -7.97 15.00
C SER B 272 5.57 -7.58 13.89
N LYS B 273 4.51 -6.90 14.30
CA LYS B 273 3.44 -6.36 13.42
C LYS B 273 2.80 -5.24 14.23
N ASN B 274 2.20 -4.27 13.56
CA ASN B 274 1.53 -3.14 14.22
C ASN B 274 2.51 -2.45 15.17
N THR B 275 3.71 -2.21 14.67
CA THR B 275 4.77 -1.52 15.44
C THR B 275 4.74 -0.01 15.28
N HIS B 276 3.77 0.52 14.55
CA HIS B 276 3.48 1.97 14.58
C HIS B 276 3.00 2.35 15.97
N ILE B 277 3.04 3.65 16.28
CA ILE B 277 2.65 4.14 17.64
C ILE B 277 1.69 5.28 17.47
N ASN B 278 0.55 5.20 18.13
CA ASN B 278 -0.39 6.34 18.13
C ASN B 278 0.16 7.44 19.05
N ILE B 279 -0.02 8.69 18.65
CA ILE B 279 0.34 9.84 19.49
C ILE B 279 -0.89 10.73 19.60
N GLY B 280 -0.95 11.52 20.65
CA GLY B 280 -2.17 12.28 20.93
C GLY B 280 -2.22 12.64 22.40
N THR B 281 -3.33 13.22 22.81
CA THR B 281 -3.52 13.63 24.22
C THR B 281 -4.44 12.64 24.95
N GLY B 282 -5.11 11.74 24.23
CA GLY B 282 -5.93 10.67 24.81
C GLY B 282 -7.32 11.15 25.14
N ILE B 283 -7.62 12.40 24.80
CA ILE B 283 -8.89 13.08 25.22
C ILE B 283 -9.50 13.68 23.96
N ASP B 284 -10.81 13.53 23.77
CA ASP B 284 -11.49 14.21 22.66
C ASP B 284 -12.55 15.17 23.21
N TYR B 285 -13.06 15.99 22.30
CA TYR B 285 -14.02 17.09 22.60
C TYR B 285 -15.07 17.11 21.51
N SER B 286 -16.32 17.43 21.89
CA SER B 286 -17.37 17.76 20.91
C SER B 286 -17.00 19.08 20.23
N ILE B 287 -17.45 19.27 19.00
CA ILE B 287 -17.30 20.56 18.27
C ILE B 287 -17.97 21.67 19.08
N LYS B 288 -19.03 21.39 19.84
CA LYS B 288 -19.62 22.41 20.73
C LYS B 288 -18.58 22.87 21.74
N GLU B 289 -17.91 21.93 22.43
CA GLU B 289 -16.96 22.24 23.51
C GLU B 289 -15.77 23.01 22.93
N VAL B 290 -15.25 22.59 21.78
CA VAL B 290 -14.09 23.27 21.14
C VAL B 290 -14.51 24.68 20.70
N ALA B 291 -15.66 24.80 20.06
CA ALA B 291 -16.16 26.12 19.58
C ALA B 291 -16.33 27.06 20.78
N LEU B 292 -16.87 26.59 21.91
CA LEU B 292 -17.02 27.48 23.10
C LEU B 292 -15.64 27.88 23.60
N MET B 293 -14.67 26.95 23.62
CA MET B 293 -13.30 27.30 24.05
C MET B 293 -12.80 28.42 23.15
N VAL B 294 -12.99 28.25 21.85
CA VAL B 294 -12.41 29.22 20.88
C VAL B 294 -13.10 30.56 21.10
N LYS B 295 -14.43 30.55 21.25
CA LYS B 295 -15.27 31.76 21.45
C LYS B 295 -14.74 32.56 22.65
N ASN B 296 -14.45 31.86 23.75
CA ASN B 296 -14.05 32.49 25.03
C ASN B 296 -12.63 33.06 24.90
N ILE B 297 -11.75 32.36 24.16
CA ILE B 297 -10.33 32.81 23.97
C ILE B 297 -10.32 34.03 23.04
N VAL B 298 -11.15 34.01 21.99
CA VAL B 298 -11.22 35.11 20.99
C VAL B 298 -11.93 36.31 21.63
N GLY B 299 -12.86 36.06 22.54
CA GLY B 299 -13.66 37.12 23.18
C GLY B 299 -14.79 37.58 22.27
N PHE B 300 -15.31 36.72 21.41
CA PHE B 300 -16.50 37.02 20.57
C PHE B 300 -17.75 37.06 21.47
N SER B 301 -18.57 38.12 21.33
CA SER B 301 -19.74 38.40 22.19
C SER B 301 -21.02 37.85 21.54
N GLY B 302 -20.95 37.46 20.28
CA GLY B 302 -22.07 36.89 19.51
C GLY B 302 -22.38 35.45 19.90
N GLU B 303 -23.24 34.79 19.13
CA GLU B 303 -23.80 33.45 19.44
C GLU B 303 -22.96 32.36 18.77
N LEU B 304 -22.92 31.20 19.39
CA LEU B 304 -22.63 29.93 18.70
C LEU B 304 -23.97 29.29 18.31
N VAL B 305 -24.11 28.98 17.03
CA VAL B 305 -25.34 28.35 16.46
C VAL B 305 -24.94 27.05 15.77
N PHE B 306 -25.65 25.96 16.06
CA PHE B 306 -25.53 24.69 15.29
C PHE B 306 -26.75 24.57 14.38
N ASN B 307 -26.47 24.29 13.11
CA ASN B 307 -27.46 24.12 12.03
C ASN B 307 -27.51 22.63 11.67
N THR B 308 -28.61 21.96 12.03
CA THR B 308 -28.87 20.52 11.79
C THR B 308 -29.62 20.35 10.46
N THR B 314 -16.10 13.67 10.95
CA THR B 314 -17.58 13.43 10.91
C THR B 314 -17.96 12.27 11.84
N MET B 315 -17.28 11.11 11.74
CA MET B 315 -17.33 10.05 12.78
C MET B 315 -16.29 10.37 13.87
N ASP B 316 -16.61 10.06 15.12
CA ASP B 316 -15.71 10.31 16.27
C ASP B 316 -14.42 9.53 15.99
N ARG B 317 -13.25 10.12 16.25
CA ARG B 317 -11.93 9.43 16.13
C ARG B 317 -11.10 9.87 17.32
N LEU B 318 -10.58 8.92 18.08
CA LEU B 318 -9.72 9.21 19.23
C LEU B 318 -8.71 8.09 19.32
N MET B 319 -7.43 8.44 19.39
CA MET B 319 -6.36 7.42 19.57
C MET B 319 -6.35 6.87 20.99
N ASP B 320 -6.10 5.58 21.13
CA ASP B 320 -5.62 4.97 22.39
C ASP B 320 -4.12 5.22 22.44
N CYS B 321 -3.66 6.05 23.37
CA CYS B 321 -2.23 6.40 23.52
C CYS B 321 -1.57 5.58 24.63
N SER B 322 -2.14 4.46 25.03
CA SER B 322 -1.53 3.61 26.08
C SER B 322 -0.11 3.19 25.71
N LYS B 323 0.16 2.88 24.43
CA LYS B 323 1.48 2.33 24.06
C LYS B 323 2.53 3.43 24.17
N ILE B 324 2.25 4.64 23.65
CA ILE B 324 3.26 5.72 23.81
C ILE B 324 3.43 6.07 25.27
N HIS B 325 2.35 6.08 26.05
CA HIS B 325 2.51 6.32 27.51
C HIS B 325 3.44 5.29 28.13
N SER B 326 3.33 4.03 27.74
CA SER B 326 4.13 2.90 28.29
C SER B 326 5.60 3.07 27.90
N LEU B 327 5.85 3.76 26.79
CA LEU B 327 7.21 3.97 26.24
C LEU B 327 7.79 5.26 26.82
N GLY B 328 7.01 5.99 27.62
CA GLY B 328 7.54 7.04 28.50
C GLY B 328 7.30 8.45 28.03
N TRP B 329 6.31 8.68 27.16
CA TRP B 329 5.91 10.03 26.75
C TRP B 329 4.42 10.24 26.96
N LYS B 330 4.06 11.41 27.47
CA LYS B 330 2.66 11.88 27.45
C LYS B 330 2.67 13.37 27.17
N HIS B 331 1.53 13.84 26.72
CA HIS B 331 1.38 15.22 26.24
C HIS B 331 1.50 16.20 27.43
N LYS B 332 1.88 17.40 27.11
CA LYS B 332 1.97 18.52 28.09
C LYS B 332 0.95 19.63 27.82
N ILE B 333 0.45 19.80 26.59
CA ILE B 333 -0.35 20.99 26.21
C ILE B 333 -1.82 20.58 26.22
N GLU B 334 -2.58 21.08 27.20
CA GLU B 334 -4.05 20.92 27.20
C GLU B 334 -4.64 21.86 26.15
N LEU B 335 -5.76 21.48 25.58
CA LEU B 335 -6.35 22.12 24.38
C LEU B 335 -6.54 23.63 24.61
N LYS B 336 -7.15 24.05 25.72
CA LYS B 336 -7.41 25.50 25.95
C LYS B 336 -6.08 26.28 25.89
N ASP B 337 -5.05 25.79 26.57
CA ASP B 337 -3.72 26.43 26.62
C ASP B 337 -3.15 26.49 25.21
N GLY B 338 -3.30 25.42 24.42
CA GLY B 338 -2.71 25.36 23.08
C GLY B 338 -3.41 26.34 22.15
N ILE B 339 -4.72 26.46 22.26
CA ILE B 339 -5.51 27.38 21.40
C ILE B 339 -5.11 28.83 21.73
N LYS B 340 -4.89 29.12 23.02
CA LYS B 340 -4.37 30.45 23.46
C LYS B 340 -3.03 30.72 22.77
N MET B 341 -2.07 29.77 22.85
CA MET B 341 -0.73 29.95 22.22
C MET B 341 -0.92 30.27 20.74
N MET B 342 -1.82 29.54 20.05
CA MET B 342 -2.05 29.65 18.60
C MET B 342 -2.67 31.03 18.30
N TYR B 343 -3.61 31.50 19.12
CA TYR B 343 -4.30 32.81 18.90
C TYR B 343 -3.30 33.96 19.08
N GLU B 344 -2.45 33.89 20.11
CA GLU B 344 -1.41 34.93 20.35
C GLU B 344 -0.55 35.06 19.09
N TRP B 345 -0.09 33.94 18.51
CA TRP B 345 0.74 34.00 17.28
C TRP B 345 -0.11 34.55 16.14
N TYR B 346 -1.38 34.13 16.03
CA TYR B 346 -2.26 34.51 14.90
C TYR B 346 -2.33 36.03 14.79
N LYS B 347 -2.49 36.71 15.94
CA LYS B 347 -2.70 38.19 16.02
C LYS B 347 -1.41 38.93 15.65
N THR B 348 -0.25 38.40 16.06
CA THR B 348 1.10 38.95 15.73
C THR B 348 1.13 39.35 14.25
PA NAP C . 7.43 -13.96 -12.77
O1A NAP C . 8.13 -13.95 -11.44
O2A NAP C . 7.43 -15.24 -13.54
O5B NAP C . 8.03 -12.86 -13.72
C5B NAP C . 8.32 -11.55 -13.24
C4B NAP C . 9.05 -10.81 -14.33
O4B NAP C . 9.20 -9.43 -13.92
C3B NAP C . 10.46 -11.37 -14.55
O3B NAP C . 10.69 -11.58 -15.94
C2B NAP C . 11.35 -10.27 -13.99
O2B NAP C . 12.56 -10.09 -14.75
C1B NAP C . 10.50 -9.02 -14.25
N9A NAP C . 10.87 -7.93 -13.38
C8A NAP C . 10.85 -7.90 -12.01
N7A NAP C . 11.40 -6.82 -11.49
C5A NAP C . 11.75 -6.06 -12.60
C6A NAP C . 12.35 -4.80 -12.72
N6A NAP C . 12.79 -4.06 -11.70
N1A NAP C . 12.58 -4.33 -13.97
C2A NAP C . 12.22 -5.10 -15.01
N3A NAP C . 11.64 -6.30 -15.01
C4A NAP C . 11.45 -6.74 -13.77
O3 NAP C . 5.94 -13.38 -12.56
PN NAP C . 4.61 -14.15 -12.88
O1N NAP C . 4.55 -15.39 -12.08
O2N NAP C . 4.48 -14.19 -14.35
O5D NAP C . 3.52 -13.13 -12.28
C5D NAP C . 2.83 -12.23 -13.12
C4D NAP C . 1.90 -11.43 -12.26
O4D NAP C . 0.92 -12.34 -11.69
C3D NAP C . 2.55 -10.71 -11.06
O3D NAP C . 1.88 -9.47 -10.84
C2D NAP C . 2.30 -11.68 -9.94
O2D NAP C . 2.35 -11.13 -8.62
C1D NAP C . 0.92 -12.20 -10.28
N1N NAP C . 0.62 -13.50 -9.64
C2N NAP C . 1.33 -14.65 -9.93
C3N NAP C . 1.13 -15.81 -9.26
C7N NAP C . 1.91 -17.02 -9.56
O7N NAP C . 1.57 -18.07 -9.01
N7N NAP C . 2.94 -16.96 -10.41
C4N NAP C . 0.06 -15.87 -8.22
C5N NAP C . -0.64 -14.63 -7.99
C6N NAP C . -0.33 -13.53 -8.64
P2B NAP C . 13.84 -11.07 -14.52
O1X NAP C . 13.39 -12.27 -15.29
O2X NAP C . 14.11 -11.29 -13.07
O3X NAP C . 14.93 -10.28 -15.23
MG MG D . -18.45 -2.53 -23.87
PA NAP E . 1.57 20.28 5.90
O1A NAP E . 0.45 19.99 4.95
O2A NAP E . 1.41 21.49 6.79
O5B NAP E . 2.94 20.48 5.15
C5B NAP E . 3.38 19.52 4.18
C4B NAP E . 4.66 20.05 3.62
O4B NAP E . 5.16 19.05 2.71
C3B NAP E . 4.54 21.36 2.82
O3B NAP E . 5.45 22.32 3.33
C2B NAP E . 4.81 20.94 1.38
O2B NAP E . 5.53 21.90 0.62
C1B NAP E . 5.70 19.72 1.59
N9A NAP E . 5.68 18.84 0.43
C8A NAP E . 4.61 18.19 -0.10
N7A NAP E . 4.87 17.56 -1.22
C5A NAP E . 6.21 17.83 -1.44
C6A NAP E . 7.07 17.44 -2.48
N6A NAP E . 6.70 16.74 -3.55
N1A NAP E . 8.34 17.89 -2.40
C2A NAP E . 8.72 18.63 -1.35
N3A NAP E . 7.98 19.05 -0.32
C4A NAP E . 6.71 18.62 -0.44
O3 NAP E . 1.82 18.99 6.81
PN NAP E . 1.42 18.76 8.32
O1N NAP E . 0.00 19.15 8.49
O2N NAP E . 2.46 19.42 9.14
O5D NAP E . 1.56 17.17 8.42
C5D NAP E . 2.77 16.57 8.83
C4D NAP E . 2.56 15.09 8.87
O4D NAP E . 1.55 14.75 9.86
C3D NAP E . 2.09 14.47 7.54
O3D NAP E . 2.65 13.16 7.36
C2D NAP E . 0.61 14.41 7.75
O2D NAP E . -0.06 13.49 6.90
C1D NAP E . 0.52 14.02 9.22
N1N NAP E . -0.81 14.35 9.79
C2N NAP E . -1.26 15.65 9.85
C3N NAP E . -2.51 15.92 10.29
C7N NAP E . -3.06 17.30 10.37
O7N NAP E . -4.14 17.49 10.94
N7N NAP E . -2.34 18.28 9.83
C4N NAP E . -3.37 14.84 10.75
C5N NAP E . -2.81 13.51 10.70
C6N NAP E . -1.64 13.31 10.17
P2B NAP E . 4.76 23.18 0.00
O1X NAP E . 4.55 24.09 1.17
O2X NAP E . 3.55 22.73 -0.68
O3X NAP E . 5.78 23.74 -1.03
MG MG F . 16.86 2.04 25.08
MG MG G . 30.51 16.95 -0.68
C1 EDO H . -11.40 -3.54 15.25
O1 EDO H . -12.29 -4.59 14.92
C2 EDO H . -11.85 -2.80 16.46
O2 EDO H . -13.07 -2.16 16.29
#